data_3DMP
#
_entry.id   3DMP
#
_cell.length_a   102.222
_cell.length_b   80.637
_cell.length_c   141.833
_cell.angle_alpha   90.00
_cell.angle_beta   99.11
_cell.angle_gamma   90.00
#
_symmetry.space_group_name_H-M   'C 1 2 1'
#
loop_
_entity.id
_entity.type
_entity.pdbx_description
1 polymer 'Uracil phosphoribosyltransferase'
2 water water
#
_entity_poly.entity_id   1
_entity_poly.type   'polypeptide(L)'
_entity_poly.pdbx_seq_one_letter_code
;SMKQDSRFPNLFILDHPLIQHKLTHMRDKDTSTRTFRELLREITLLMGYEITRNLPITTKRVETPLVEIDAPVIAGKKLA
IVPVLRAGVGMSDGLLELIPSARVGHIGVYRADDHRPVEYLVRLPDLEDRIFILCDPMVATGYSAAHAIDVLKRRGVPGE
RLMFLALVAAPEGVQVFQDAHPDVKLYVASLDSHLDDHAYIVPGLGDAGDRLFGTKN
;
_entity_poly.pdbx_strand_id   A,B,C,D
#
# COMPACT_ATOMS: atom_id res chain seq x y z
N SER A 1 -25.01 35.09 12.97
CA SER A 1 -25.60 34.73 11.63
C SER A 1 -24.51 34.53 10.57
N MET A 2 -24.74 35.00 9.33
CA MET A 2 -23.79 34.74 8.23
C MET A 2 -23.52 35.86 7.23
N LYS A 3 -22.23 36.10 7.00
CA LYS A 3 -21.75 37.02 5.96
C LYS A 3 -21.65 36.30 4.61
N GLN A 4 -21.55 37.08 3.54
CA GLN A 4 -21.12 36.56 2.24
C GLN A 4 -20.11 37.45 1.53
N ASP A 5 -19.35 36.85 0.62
CA ASP A 5 -18.41 37.59 -0.20
C ASP A 5 -19.00 37.68 -1.61
N SER A 6 -19.00 38.90 -2.16
CA SER A 6 -19.49 39.19 -3.50
C SER A 6 -19.00 38.21 -4.58
N ARG A 7 -17.80 37.66 -4.41
CA ARG A 7 -17.25 36.72 -5.39
C ARG A 7 -17.88 35.33 -5.36
N PHE A 8 -18.42 34.91 -4.21
CA PHE A 8 -18.79 33.50 -4.01
C PHE A 8 -20.23 33.24 -3.58
N PRO A 9 -21.12 32.98 -4.54
CA PRO A 9 -22.56 32.90 -4.28
C PRO A 9 -23.00 31.74 -3.35
N ASN A 10 -22.18 30.70 -3.22
CA ASN A 10 -22.51 29.59 -2.31
C ASN A 10 -21.56 29.34 -1.14
N LEU A 11 -20.83 30.39 -0.75
CA LEU A 11 -20.00 30.37 0.43
C LEU A 11 -20.69 31.23 1.50
N PHE A 12 -20.75 30.69 2.72
CA PHE A 12 -21.38 31.35 3.85
C PHE A 12 -20.38 31.38 4.99
N ILE A 13 -20.25 32.55 5.60
CA ILE A 13 -19.30 32.80 6.66
C ILE A 13 -20.07 32.99 7.97
N LEU A 14 -19.87 32.06 8.88
CA LEU A 14 -20.59 32.03 10.15
C LEU A 14 -19.82 32.85 11.18
N ASP A 15 -20.31 34.06 11.45
CA ASP A 15 -19.52 35.01 12.19
C ASP A 15 -20.12 35.36 13.55
N HIS A 16 -20.87 34.45 14.12
CA HIS A 16 -21.26 34.58 15.51
C HIS A 16 -20.01 34.90 16.36
N PRO A 17 -20.13 35.88 17.28
CA PRO A 17 -19.06 36.26 18.22
C PRO A 17 -18.29 35.10 18.85
N LEU A 18 -18.97 34.02 19.24
CA LEU A 18 -18.25 32.97 19.93
C LEU A 18 -17.51 32.05 18.95
N ILE A 19 -18.01 31.98 17.71
CA ILE A 19 -17.28 31.28 16.66
C ILE A 19 -15.98 32.03 16.35
N GLN A 20 -16.07 33.34 16.15
CA GLN A 20 -14.88 34.18 15.91
C GLN A 20 -13.91 34.05 17.08
N HIS A 21 -14.44 34.16 18.30
CA HIS A 21 -13.65 34.10 19.53
C HIS A 21 -12.86 32.80 19.60
N LYS A 22 -13.58 31.68 19.54
CA LYS A 22 -12.97 30.34 19.57
C LYS A 22 -11.96 30.06 18.44
N LEU A 23 -12.24 30.63 17.24
CA LEU A 23 -11.30 30.56 16.12
C LEU A 23 -9.98 31.26 16.46
N THR A 24 -10.08 32.42 17.11
CA THR A 24 -8.87 33.17 17.49
C THR A 24 -7.95 32.36 18.40
N HIS A 25 -8.54 31.66 19.37
CA HIS A 25 -7.76 30.83 20.27
C HIS A 25 -7.08 29.68 19.53
N MET A 26 -7.71 29.18 18.46
CA MET A 26 -7.07 28.22 17.56
C MET A 26 -5.96 28.85 16.73
N ARG A 27 -6.22 30.02 16.16
CA ARG A 27 -5.19 30.73 15.42
C ARG A 27 -3.90 30.82 16.24
N ASP A 28 -4.03 31.15 17.53
CA ASP A 28 -2.90 31.40 18.44
C ASP A 28 -1.97 30.19 18.53
N LYS A 29 -0.71 30.42 18.15
CA LYS A 29 0.29 29.35 18.15
C LYS A 29 0.69 28.86 19.55
N ASP A 30 0.36 29.61 20.60
CA ASP A 30 0.62 29.16 22.00
C ASP A 30 -0.47 28.30 22.64
N THR A 31 -1.60 28.13 21.95
CA THR A 31 -2.66 27.27 22.43
C THR A 31 -2.19 25.83 22.40
N SER A 32 -2.21 25.20 23.57
CA SER A 32 -1.80 23.79 23.72
C SER A 32 -2.58 22.85 22.80
N THR A 33 -2.02 21.67 22.57
CA THR A 33 -2.65 20.66 21.71
C THR A 33 -4.00 20.16 22.29
N ARG A 34 -4.02 19.97 23.61
CA ARG A 34 -5.26 19.66 24.32
C ARG A 34 -6.37 20.62 23.88
N THR A 35 -6.13 21.91 24.05
CA THR A 35 -7.13 22.94 23.75
C THR A 35 -7.45 23.07 22.26
N PHE A 36 -6.42 23.03 21.42
CA PHE A 36 -6.63 23.10 19.96
C PHE A 36 -7.66 22.06 19.47
N ARG A 37 -7.49 20.82 19.92
CA ARG A 37 -8.43 19.73 19.60
C ARG A 37 -9.85 20.00 20.08
N GLU A 38 -10.00 20.43 21.32
CA GLU A 38 -11.32 20.68 21.87
C GLU A 38 -12.04 21.79 21.11
N LEU A 39 -11.33 22.88 20.84
CA LEU A 39 -11.82 23.99 20.01
C LEU A 39 -12.25 23.62 18.57
N LEU A 40 -11.60 22.62 17.96
CA LEU A 40 -12.02 22.08 16.65
C LEU A 40 -13.41 21.49 16.78
N ARG A 41 -13.56 20.62 17.77
CA ARG A 41 -14.81 19.94 18.08
C ARG A 41 -15.91 20.95 18.40
N GLU A 42 -15.62 21.89 19.30
CA GLU A 42 -16.58 22.93 19.74
C GLU A 42 -17.13 23.82 18.60
N ILE A 43 -16.22 24.41 17.83
CA ILE A 43 -16.57 25.35 16.75
C ILE A 43 -17.50 24.69 15.75
N THR A 44 -17.16 23.46 15.36
CA THR A 44 -17.99 22.80 14.38
C THR A 44 -19.38 22.45 14.95
N LEU A 45 -19.46 22.09 16.24
CA LEU A 45 -20.78 21.96 16.93
C LEU A 45 -21.61 23.22 16.70
N LEU A 46 -21.00 24.37 17.00
CA LEU A 46 -21.67 25.65 16.80
C LEU A 46 -21.99 25.90 15.33
N MET A 47 -21.04 25.68 14.43
CA MET A 47 -21.31 25.81 13.00
C MET A 47 -22.47 24.92 12.56
N GLY A 48 -22.52 23.68 13.06
CA GLY A 48 -23.65 22.77 12.80
C GLY A 48 -24.99 23.36 13.17
N TYR A 49 -25.03 23.98 14.35
CA TYR A 49 -26.24 24.58 14.87
C TYR A 49 -26.79 25.68 13.95
N GLU A 50 -25.92 26.52 13.40
CA GLU A 50 -26.36 27.55 12.44
C GLU A 50 -26.93 26.95 11.18
N ILE A 51 -26.31 25.88 10.71
CA ILE A 51 -26.65 25.34 9.41
C ILE A 51 -27.86 24.42 9.50
N THR A 52 -28.38 24.21 10.71
CA THR A 52 -29.49 23.28 10.90
C THR A 52 -30.75 23.96 11.37
N ARG A 53 -30.77 25.29 11.26
CA ARG A 53 -31.90 26.12 11.62
C ARG A 53 -33.18 25.70 10.93
N ASN A 54 -33.05 25.20 9.70
CA ASN A 54 -34.21 24.92 8.88
C ASN A 54 -34.61 23.46 8.82
N LEU A 55 -34.14 22.66 9.77
CA LEU A 55 -34.51 21.23 9.80
C LEU A 55 -36.01 20.98 10.03
N PRO A 56 -36.62 20.15 9.16
CA PRO A 56 -38.01 19.73 9.31
C PRO A 56 -38.23 19.09 10.67
N ILE A 57 -39.34 19.44 11.33
CA ILE A 57 -39.72 18.78 12.59
C ILE A 57 -41.08 18.05 12.50
N THR A 58 -41.10 16.76 12.84
CA THR A 58 -42.37 16.01 13.03
C THR A 58 -42.54 15.66 14.51
N THR A 59 -43.54 14.84 14.83
CA THR A 59 -43.78 14.47 16.22
C THR A 59 -43.80 12.95 16.47
N LYS A 60 -43.04 12.51 17.46
CA LYS A 60 -43.18 11.17 17.99
C LYS A 60 -44.14 11.23 19.16
N ARG A 61 -44.75 10.08 19.47
CA ARG A 61 -45.48 9.92 20.71
C ARG A 61 -44.46 9.69 21.80
N VAL A 62 -44.65 10.36 22.92
CA VAL A 62 -43.76 10.23 24.06
C VAL A 62 -44.55 10.41 25.35
N GLU A 63 -44.27 9.59 26.35
CA GLU A 63 -44.84 9.90 27.65
C GLU A 63 -43.84 10.49 28.62
N THR A 64 -44.18 11.67 29.12
CA THR A 64 -43.44 12.32 30.19
C THR A 64 -43.86 11.63 31.50
N PRO A 65 -43.12 11.86 32.60
CA PRO A 65 -43.63 11.40 33.90
C PRO A 65 -45.07 11.86 34.21
N LEU A 66 -45.59 12.81 33.46
CA LEU A 66 -46.93 13.33 33.75
C LEU A 66 -48.01 12.90 32.77
N VAL A 67 -47.70 12.98 31.48
CA VAL A 67 -48.72 12.84 30.49
C VAL A 67 -48.11 12.33 29.18
N GLU A 68 -48.95 11.82 28.30
CA GLU A 68 -48.54 11.37 26.97
C GLU A 68 -48.82 12.51 25.99
N ILE A 69 -47.86 12.76 25.09
CA ILE A 69 -47.92 13.89 24.16
C ILE A 69 -47.37 13.60 22.76
N ASP A 70 -47.65 14.53 21.85
CA ASP A 70 -47.04 14.54 20.52
C ASP A 70 -45.89 15.55 20.49
N ALA A 71 -44.66 15.07 20.65
CA ALA A 71 -43.51 15.95 20.86
C ALA A 71 -42.59 16.10 19.65
N PRO A 72 -42.07 17.32 19.42
CA PRO A 72 -41.26 17.59 18.23
C PRO A 72 -39.95 16.82 18.21
N VAL A 73 -39.71 16.12 17.12
CA VAL A 73 -38.42 15.49 16.87
C VAL A 73 -37.93 15.78 15.45
N ILE A 74 -36.73 15.32 15.16
CA ILE A 74 -36.06 15.51 13.88
C ILE A 74 -35.88 14.14 13.21
N ALA A 75 -35.77 14.12 11.88
CA ALA A 75 -35.31 12.92 11.16
C ALA A 75 -33.77 12.92 11.04
N GLY A 76 -33.09 12.58 12.15
CA GLY A 76 -31.63 12.54 12.23
C GLY A 76 -30.95 11.49 11.34
N LYS A 77 -31.60 10.34 11.18
CA LYS A 77 -31.11 9.27 10.29
C LYS A 77 -30.88 9.74 8.84
N LYS A 78 -31.65 10.73 8.40
CA LYS A 78 -31.59 11.21 7.01
C LYS A 78 -30.38 12.12 6.73
N LEU A 79 -29.37 12.01 7.61
CA LEU A 79 -28.17 12.85 7.54
C LEU A 79 -26.92 12.02 7.61
N ALA A 80 -25.96 12.34 6.75
CA ALA A 80 -24.67 11.69 6.77
C ALA A 80 -23.56 12.70 7.02
N ILE A 81 -22.83 12.51 8.12
CA ILE A 81 -21.64 13.29 8.45
C ILE A 81 -20.43 12.54 7.88
N VAL A 82 -19.65 13.22 7.05
CA VAL A 82 -18.52 12.57 6.40
C VAL A 82 -17.20 13.32 6.63
N PRO A 83 -16.45 12.96 7.69
CA PRO A 83 -15.12 13.55 7.83
C PRO A 83 -14.24 13.17 6.64
N VAL A 84 -13.51 14.16 6.14
CA VAL A 84 -12.45 13.92 5.17
C VAL A 84 -11.23 13.61 6.00
N LEU A 85 -10.67 12.41 5.82
CA LEU A 85 -9.49 11.98 6.56
C LEU A 85 -8.21 12.73 6.15
N ARG A 86 -7.26 12.92 7.06
CA ARG A 86 -7.37 12.52 8.48
C ARG A 86 -7.96 13.59 9.40
N ALA A 87 -7.74 14.86 9.06
CA ALA A 87 -8.00 16.00 9.95
C ALA A 87 -9.49 16.27 10.26
N GLY A 88 -10.37 15.81 9.35
CA GLY A 88 -11.81 16.05 9.45
C GLY A 88 -12.49 15.30 10.60
N VAL A 89 -11.79 14.30 11.14
CA VAL A 89 -12.34 13.51 12.25
C VAL A 89 -12.73 14.34 13.49
N GLY A 90 -11.89 15.30 13.87
CA GLY A 90 -12.26 16.25 14.92
C GLY A 90 -13.60 16.93 14.69
N MET A 91 -13.88 17.32 13.44
CA MET A 91 -15.07 18.10 13.13
C MET A 91 -16.32 17.23 13.21
N SER A 92 -16.23 16.10 12.54
CA SER A 92 -17.11 14.97 12.68
C SER A 92 -17.61 14.77 14.13
N ASP A 93 -16.70 14.81 15.11
CA ASP A 93 -17.04 14.55 16.51
C ASP A 93 -18.02 15.56 17.10
N GLY A 94 -17.83 16.84 16.73
CA GLY A 94 -18.67 17.93 17.20
C GLY A 94 -20.07 17.86 16.61
N LEU A 95 -20.15 17.60 15.30
CA LEU A 95 -21.42 17.39 14.63
C LEU A 95 -22.18 16.18 15.18
N LEU A 96 -21.42 15.17 15.57
CA LEU A 96 -22.00 13.94 16.08
C LEU A 96 -22.59 14.13 17.46
N GLU A 97 -21.96 15.01 18.24
CA GLU A 97 -22.50 15.40 19.53
C GLU A 97 -23.83 16.08 19.28
N LEU A 98 -23.84 17.01 18.32
CA LEU A 98 -25.04 17.74 17.98
C LEU A 98 -26.15 16.79 17.50
N ILE A 99 -25.86 15.97 16.50
CA ILE A 99 -26.80 14.99 15.96
C ILE A 99 -26.24 13.58 16.08
N PRO A 100 -26.45 12.93 17.25
CA PRO A 100 -25.94 11.60 17.51
C PRO A 100 -26.48 10.52 16.55
N SER A 101 -27.73 10.66 16.13
CA SER A 101 -28.39 9.60 15.40
C SER A 101 -28.02 9.52 13.93
N ALA A 102 -27.15 10.41 13.47
CA ALA A 102 -26.82 10.48 12.06
C ALA A 102 -25.85 9.38 11.65
N ARG A 103 -25.86 9.04 10.37
CA ARG A 103 -24.91 8.08 9.83
C ARG A 103 -23.55 8.73 9.61
N VAL A 104 -22.49 7.97 9.87
CA VAL A 104 -21.14 8.44 9.62
C VAL A 104 -20.54 7.74 8.41
N GLY A 105 -19.94 8.52 7.52
CA GLY A 105 -19.18 7.99 6.41
C GLY A 105 -17.79 8.60 6.44
N HIS A 106 -16.89 8.09 5.59
CA HIS A 106 -15.50 8.56 5.57
C HIS A 106 -15.01 8.65 4.14
N ILE A 107 -14.28 9.73 3.85
CA ILE A 107 -13.61 9.90 2.58
C ILE A 107 -12.16 10.22 2.83
N GLY A 108 -11.29 9.29 2.43
CA GLY A 108 -9.86 9.47 2.48
C GLY A 108 -9.30 9.88 1.14
N VAL A 109 -8.68 11.05 1.12
CA VAL A 109 -8.01 11.61 -0.05
C VAL A 109 -6.99 12.65 0.49
N TYR A 110 -5.78 12.22 0.84
CA TYR A 110 -4.69 13.15 1.26
C TYR A 110 -4.18 14.08 0.12
N ARG A 111 -4.22 13.69 -1.16
CA ARG A 111 -4.11 12.33 -1.75
C ARG A 111 -4.13 12.59 -3.23
N ALA A 112 -5.34 12.87 -3.70
CA ALA A 112 -5.59 13.46 -4.99
C ALA A 112 -4.91 14.83 -4.98
N ASP A 113 -3.65 14.82 -4.58
CA ASP A 113 -2.93 16.03 -4.17
C ASP A 113 -3.10 17.12 -5.21
N ASP A 114 -3.09 16.72 -6.48
CA ASP A 114 -3.28 17.70 -7.53
C ASP A 114 -4.08 17.19 -8.74
N HIS A 115 -3.61 16.10 -9.35
CA HIS A 115 -4.03 15.68 -10.70
C HIS A 115 -5.47 15.15 -10.86
N ARG A 116 -5.90 14.27 -9.98
CA ARG A 116 -7.23 13.64 -10.07
C ARG A 116 -7.70 13.34 -8.64
N PRO A 117 -9.01 13.04 -8.46
CA PRO A 117 -9.39 12.46 -7.15
C PRO A 117 -8.87 11.01 -6.99
N VAL A 118 -7.94 10.81 -6.06
CA VAL A 118 -7.47 9.46 -5.74
C VAL A 118 -8.00 9.01 -4.36
N GLU A 119 -8.98 8.13 -4.41
CA GLU A 119 -9.62 7.58 -3.23
C GLU A 119 -8.79 6.46 -2.60
N TYR A 120 -8.20 6.73 -1.44
CA TYR A 120 -7.60 5.65 -0.67
C TYR A 120 -8.63 4.91 0.18
N LEU A 121 -9.67 5.62 0.60
CA LEU A 121 -10.78 4.98 1.34
C LEU A 121 -12.04 5.79 1.14
N VAL A 122 -13.09 5.12 0.66
CA VAL A 122 -14.41 5.72 0.54
C VAL A 122 -15.42 4.76 1.16
N ARG A 123 -15.92 5.14 2.33
CA ARG A 123 -16.90 4.34 3.03
C ARG A 123 -18.11 5.21 3.35
N LEU A 124 -19.28 4.83 2.84
CA LEU A 124 -20.43 5.70 2.81
C LEU A 124 -21.70 5.00 3.22
N PRO A 125 -22.62 5.73 3.88
CA PRO A 125 -23.96 5.22 4.12
C PRO A 125 -24.72 5.17 2.81
N ASP A 126 -25.91 4.58 2.83
CA ASP A 126 -26.73 4.49 1.63
C ASP A 126 -27.14 5.87 1.19
N LEU A 127 -27.25 6.06 -0.13
CA LEU A 127 -27.41 7.38 -0.72
C LEU A 127 -28.86 7.90 -0.77
N GLU A 128 -29.80 6.98 -0.99
CA GLU A 128 -31.24 7.29 -1.12
C GLU A 128 -31.76 8.32 -0.12
N ASP A 129 -32.14 9.49 -0.64
CA ASP A 129 -32.83 10.52 0.16
C ASP A 129 -32.02 10.98 1.39
N ARG A 130 -30.77 11.33 1.14
CA ARG A 130 -29.83 11.59 2.22
C ARG A 130 -29.01 12.86 1.93
N ILE A 131 -28.90 13.71 2.95
CA ILE A 131 -28.05 14.89 2.86
C ILE A 131 -26.68 14.56 3.44
N PHE A 132 -25.63 14.91 2.71
CA PHE A 132 -24.26 14.62 3.13
C PHE A 132 -23.53 15.89 3.54
N ILE A 133 -22.92 15.84 4.73
CA ILE A 133 -22.16 16.95 5.28
C ILE A 133 -20.69 16.56 5.45
N LEU A 134 -19.87 17.03 4.52
CA LEU A 134 -18.42 16.78 4.56
C LEU A 134 -17.72 17.76 5.48
N CYS A 135 -16.64 17.31 6.11
CA CYS A 135 -15.89 18.09 7.09
C CYS A 135 -14.42 18.06 6.84
N ASP A 136 -13.80 19.24 6.90
CA ASP A 136 -12.35 19.38 6.79
C ASP A 136 -12.02 20.77 7.30
N PRO A 137 -11.04 20.91 8.20
CA PRO A 137 -10.68 22.23 8.72
C PRO A 137 -10.29 23.29 7.68
N MET A 138 -9.47 22.91 6.71
CA MET A 138 -8.84 23.87 5.79
C MET A 138 -9.22 23.70 4.33
N VAL A 139 -9.61 24.80 3.68
CA VAL A 139 -9.71 24.81 2.25
C VAL A 139 -8.67 25.79 1.71
N ALA A 140 -7.44 25.29 1.55
CA ALA A 140 -6.33 26.10 1.05
C ALA A 140 -6.34 26.18 -0.48
N THR A 141 -5.81 25.15 -1.16
CA THR A 141 -5.80 25.13 -2.63
C THR A 141 -7.21 24.93 -3.19
N GLY A 142 -8.02 24.14 -2.50
CA GLY A 142 -9.37 23.85 -2.97
C GLY A 142 -9.50 22.46 -3.60
N TYR A 143 -8.36 21.87 -3.94
CA TYR A 143 -8.32 20.57 -4.62
C TYR A 143 -8.75 19.39 -3.77
N SER A 144 -8.31 19.34 -2.51
CA SER A 144 -8.77 18.34 -1.56
C SER A 144 -10.29 18.38 -1.47
N ALA A 145 -10.82 19.59 -1.31
CA ALA A 145 -12.24 19.75 -1.06
C ALA A 145 -13.08 19.36 -2.27
N ALA A 146 -12.64 19.81 -3.44
CA ALA A 146 -13.35 19.52 -4.69
C ALA A 146 -13.33 18.02 -5.01
N HIS A 147 -12.19 17.37 -4.77
CA HIS A 147 -12.08 15.93 -4.96
C HIS A 147 -12.97 15.14 -3.99
N ALA A 148 -12.94 15.51 -2.70
CA ALA A 148 -13.85 14.91 -1.71
C ALA A 148 -15.30 14.98 -2.18
N ILE A 149 -15.69 16.09 -2.79
CA ILE A 149 -17.06 16.21 -3.29
C ILE A 149 -17.29 15.42 -4.58
N ASP A 150 -16.26 15.36 -5.43
CA ASP A 150 -16.28 14.53 -6.65
C ASP A 150 -16.65 13.09 -6.34
N VAL A 151 -16.10 12.59 -5.24
CA VAL A 151 -16.32 11.21 -4.80
C VAL A 151 -17.82 10.95 -4.77
N LEU A 152 -18.55 11.86 -4.13
CA LEU A 152 -19.98 11.72 -3.98
C LEU A 152 -20.74 11.97 -5.27
N LYS A 153 -20.32 12.99 -6.03
CA LYS A 153 -20.96 13.31 -7.29
C LYS A 153 -20.84 12.15 -8.29
N ARG A 154 -19.65 11.58 -8.39
CA ARG A 154 -19.40 10.47 -9.30
C ARG A 154 -20.11 9.18 -8.90
N ARG A 155 -20.80 9.21 -7.76
CA ARG A 155 -21.61 8.08 -7.32
C ARG A 155 -23.09 8.44 -7.37
N GLY A 156 -23.39 9.60 -7.95
CA GLY A 156 -24.78 9.94 -8.30
C GLY A 156 -25.49 11.01 -7.50
N VAL A 157 -24.86 11.56 -6.46
CA VAL A 157 -25.58 12.50 -5.58
C VAL A 157 -25.43 13.96 -6.03
N PRO A 158 -26.56 14.68 -6.21
CA PRO A 158 -26.51 16.02 -6.75
C PRO A 158 -25.97 17.05 -5.75
N GLY A 159 -25.43 18.15 -6.27
CA GLY A 159 -25.02 19.29 -5.46
C GLY A 159 -26.04 19.66 -4.41
N GLU A 160 -27.31 19.75 -4.84
CA GLU A 160 -28.48 20.08 -3.99
C GLU A 160 -28.47 19.43 -2.62
N ARG A 161 -27.86 18.25 -2.51
CA ARG A 161 -27.90 17.46 -1.30
C ARG A 161 -26.50 17.27 -0.65
N LEU A 162 -25.60 18.20 -0.96
CA LEU A 162 -24.23 18.15 -0.45
C LEU A 162 -23.80 19.46 0.20
N MET A 163 -23.10 19.35 1.31
CA MET A 163 -22.52 20.51 1.98
C MET A 163 -21.12 20.19 2.43
N PHE A 164 -20.28 21.22 2.39
CA PHE A 164 -18.93 21.12 2.88
C PHE A 164 -18.76 22.09 4.04
N LEU A 165 -18.15 21.61 5.11
CA LEU A 165 -17.88 22.44 6.26
C LEU A 165 -16.38 22.52 6.49
N ALA A 166 -15.90 23.75 6.61
CA ALA A 166 -14.51 24.02 6.95
C ALA A 166 -14.41 25.12 8.02
N LEU A 167 -13.27 25.17 8.71
CA LEU A 167 -12.93 26.30 9.59
C LEU A 167 -12.51 27.52 8.80
N VAL A 168 -11.49 27.34 7.98
CA VAL A 168 -10.88 28.44 7.26
C VAL A 168 -10.72 28.13 5.79
N ALA A 169 -10.95 29.13 4.95
CA ALA A 169 -10.75 29.01 3.52
C ALA A 169 -9.97 30.18 2.94
N ALA A 170 -9.11 29.90 1.96
CA ALA A 170 -8.48 30.94 1.14
C ALA A 170 -9.39 31.21 -0.06
N PRO A 171 -9.44 32.48 -0.54
CA PRO A 171 -10.24 32.82 -1.74
C PRO A 171 -9.87 32.01 -2.98
N GLU A 172 -8.59 31.70 -3.16
CA GLU A 172 -8.18 30.91 -4.32
C GLU A 172 -8.75 29.50 -4.23
N GLY A 173 -8.80 28.99 -3.00
CA GLY A 173 -9.39 27.68 -2.71
C GLY A 173 -10.88 27.65 -2.97
N VAL A 174 -11.57 28.71 -2.60
CA VAL A 174 -13.01 28.75 -2.82
C VAL A 174 -13.34 28.83 -4.33
N GLN A 175 -12.51 29.55 -5.10
CA GLN A 175 -12.66 29.67 -6.56
C GLN A 175 -12.52 28.31 -7.22
N VAL A 176 -11.45 27.61 -6.88
CA VAL A 176 -11.22 26.26 -7.36
C VAL A 176 -12.41 25.37 -7.00
N PHE A 177 -12.88 25.50 -5.76
CA PHE A 177 -14.01 24.74 -5.25
C PHE A 177 -15.27 24.98 -6.07
N GLN A 178 -15.63 26.24 -6.22
CA GLN A 178 -16.89 26.61 -6.86
C GLN A 178 -16.92 26.43 -8.38
N ASP A 179 -15.75 26.47 -9.01
CA ASP A 179 -15.63 26.12 -10.43
C ASP A 179 -16.01 24.66 -10.66
N ALA A 180 -15.52 23.76 -9.80
CA ALA A 180 -15.94 22.36 -9.88
C ALA A 180 -17.39 22.20 -9.46
N HIS A 181 -17.79 22.85 -8.37
CA HIS A 181 -19.11 22.59 -7.77
C HIS A 181 -19.93 23.86 -7.49
N PRO A 182 -20.50 24.48 -8.54
CA PRO A 182 -21.17 25.75 -8.27
C PRO A 182 -22.38 25.62 -7.33
N ASP A 183 -22.91 24.41 -7.16
CA ASP A 183 -24.14 24.20 -6.40
C ASP A 183 -23.93 23.56 -5.05
N VAL A 184 -22.69 23.46 -4.62
CA VAL A 184 -22.43 22.89 -3.31
C VAL A 184 -22.16 24.00 -2.29
N LYS A 185 -23.00 24.07 -1.26
CA LYS A 185 -22.83 25.01 -0.17
C LYS A 185 -21.58 24.70 0.63
N LEU A 186 -20.70 25.69 0.75
CA LEU A 186 -19.50 25.61 1.58
C LEU A 186 -19.62 26.55 2.78
N TYR A 187 -19.48 25.99 3.98
CA TYR A 187 -19.66 26.80 5.21
C TYR A 187 -18.36 27.01 5.93
N VAL A 188 -18.12 28.24 6.33
CA VAL A 188 -16.81 28.55 6.82
C VAL A 188 -16.94 29.41 8.08
N ALA A 189 -15.93 29.36 8.96
CA ALA A 189 -15.84 30.29 10.10
C ALA A 189 -15.14 31.59 9.68
N SER A 190 -14.19 31.50 8.74
CA SER A 190 -13.54 32.67 8.18
C SER A 190 -13.06 32.47 6.76
N LEU A 191 -13.23 33.49 5.95
CA LEU A 191 -12.52 33.60 4.70
C LEU A 191 -11.28 34.40 5.01
N ASP A 192 -10.14 33.73 5.15
CA ASP A 192 -8.88 34.45 5.33
C ASP A 192 -8.44 35.11 4.01
N SER A 193 -7.22 35.63 3.93
CA SER A 193 -6.91 36.52 2.79
C SER A 193 -6.22 35.91 1.56
N HIS A 194 -5.25 35.01 1.76
CA HIS A 194 -4.45 34.50 0.62
C HIS A 194 -3.63 33.26 0.98
N LEU A 195 -3.01 32.66 -0.04
CA LEU A 195 -2.08 31.55 0.18
C LEU A 195 -0.66 32.06 0.17
N ASP A 196 0.21 31.47 0.98
CA ASP A 196 1.62 31.82 0.90
C ASP A 196 2.28 30.91 -0.14
N ASP A 197 3.60 30.93 -0.19
CA ASP A 197 4.34 30.20 -1.22
C ASP A 197 4.23 28.68 -1.03
N HIS A 198 4.01 28.27 0.23
CA HIS A 198 3.90 26.85 0.57
C HIS A 198 2.46 26.37 0.59
N ALA A 199 1.56 27.23 0.07
CA ALA A 199 0.13 26.97 -0.05
C ALA A 199 -0.63 26.85 1.30
N TYR A 200 -0.08 27.48 2.33
CA TYR A 200 -0.75 27.62 3.64
C TYR A 200 -1.65 28.86 3.64
N ILE A 201 -2.77 28.75 4.37
CA ILE A 201 -3.69 29.88 4.50
C ILE A 201 -3.11 30.95 5.46
N VAL A 202 -3.20 32.20 5.02
CA VAL A 202 -2.72 33.38 5.76
C VAL A 202 -3.91 34.31 6.05
N PRO A 203 -4.12 34.67 7.34
CA PRO A 203 -3.33 34.30 8.51
C PRO A 203 -3.54 32.84 8.96
N GLY A 204 -4.72 32.27 8.69
CA GLY A 204 -4.95 30.84 8.91
C GLY A 204 -4.63 30.31 10.31
N LEU A 205 -4.29 29.02 10.37
CA LEU A 205 -4.06 28.31 11.63
C LEU A 205 -2.70 27.64 11.70
N GLY A 206 -2.04 27.52 10.55
CA GLY A 206 -0.79 26.77 10.46
C GLY A 206 -1.05 25.45 9.76
N ASP A 207 -0.19 24.46 9.98
CA ASP A 207 -0.42 23.11 9.47
C ASP A 207 -1.34 22.41 10.44
N ALA A 208 -2.56 22.09 9.99
CA ALA A 208 -3.61 21.55 10.86
C ALA A 208 -3.24 20.16 11.35
N GLY A 209 -2.82 19.30 10.40
CA GLY A 209 -2.30 17.98 10.73
C GLY A 209 -1.27 18.06 11.83
N ASP A 210 -0.36 19.02 11.74
CA ASP A 210 0.69 19.18 12.74
C ASP A 210 0.18 19.57 14.11
N ARG A 211 -0.75 20.51 14.15
CA ARG A 211 -1.25 21.02 15.41
C ARG A 211 -2.25 20.08 16.09
N LEU A 212 -3.02 19.35 15.28
CA LEU A 212 -3.88 18.29 15.79
C LEU A 212 -3.12 17.04 16.22
N PHE A 213 -1.99 16.76 15.56
CA PHE A 213 -1.31 15.45 15.69
C PHE A 213 0.14 15.49 16.20
N GLY A 214 0.68 16.69 16.44
CA GLY A 214 2.11 16.89 16.71
C GLY A 214 2.91 16.66 15.44
N SER B 1 -7.37 -4.99 37.61
CA SER B 1 -6.02 -5.53 37.25
C SER B 1 -5.96 -6.37 35.94
N MET B 2 -4.99 -7.29 35.89
CA MET B 2 -4.63 -8.06 34.68
C MET B 2 -4.82 -9.57 34.76
N LYS B 3 -5.18 -10.17 33.63
CA LYS B 3 -5.47 -11.59 33.54
C LYS B 3 -4.79 -12.18 32.30
N GLN B 4 -4.37 -13.44 32.41
CA GLN B 4 -3.67 -14.12 31.30
C GLN B 4 -4.17 -15.51 30.95
N ASP B 5 -4.21 -15.79 29.65
CA ASP B 5 -4.53 -17.11 29.10
C ASP B 5 -3.25 -17.93 28.87
N SER B 6 -3.27 -19.19 29.26
CA SER B 6 -2.13 -20.11 29.09
C SER B 6 -1.54 -20.18 27.65
N ARG B 7 -2.36 -20.02 26.62
CA ARG B 7 -1.85 -20.19 25.27
C ARG B 7 -0.98 -19.01 24.79
N PHE B 8 -1.14 -17.85 25.46
CA PHE B 8 -0.75 -16.57 24.88
C PHE B 8 0.10 -15.72 25.84
N PRO B 9 1.46 -15.88 25.75
CA PRO B 9 2.42 -15.30 26.69
C PRO B 9 2.37 -13.76 26.74
N ASN B 10 1.93 -13.12 25.67
CA ASN B 10 1.92 -11.65 25.61
C ASN B 10 0.54 -11.00 25.49
N LEU B 11 -0.50 -11.77 25.79
CA LEU B 11 -1.85 -11.24 25.86
C LEU B 11 -2.23 -10.92 27.30
N PHE B 12 -2.81 -9.74 27.50
CA PHE B 12 -3.27 -9.30 28.80
C PHE B 12 -4.73 -8.88 28.72
N ILE B 13 -5.52 -9.44 29.63
CA ILE B 13 -6.95 -9.20 29.69
C ILE B 13 -7.21 -8.29 30.88
N LEU B 14 -7.68 -7.08 30.60
CA LEU B 14 -7.88 -6.08 31.63
C LEU B 14 -9.27 -6.21 32.20
N ASP B 15 -9.37 -6.88 33.36
CA ASP B 15 -10.68 -7.31 33.87
C ASP B 15 -11.21 -6.54 35.09
N HIS B 16 -10.86 -5.27 35.19
CA HIS B 16 -11.51 -4.40 36.15
C HIS B 16 -13.05 -4.46 36.00
N PRO B 17 -13.78 -4.51 37.14
CA PRO B 17 -15.24 -4.55 37.14
C PRO B 17 -15.85 -3.51 36.21
N LEU B 18 -15.29 -2.31 36.16
CA LEU B 18 -15.89 -1.23 35.35
C LEU B 18 -15.60 -1.34 33.85
N ILE B 19 -14.38 -1.76 33.49
CA ILE B 19 -14.11 -2.12 32.10
C ILE B 19 -15.14 -3.18 31.67
N GLN B 20 -15.19 -4.27 32.43
CA GLN B 20 -16.12 -5.38 32.20
C GLN B 20 -17.58 -4.96 32.06
N HIS B 21 -18.00 -4.09 32.96
CA HIS B 21 -19.37 -3.62 33.01
C HIS B 21 -19.66 -2.80 31.77
N LYS B 22 -18.77 -1.87 31.45
CA LYS B 22 -18.91 -0.99 30.31
C LYS B 22 -18.87 -1.77 28.98
N LEU B 23 -18.04 -2.81 28.95
CA LEU B 23 -18.01 -3.76 27.84
C LEU B 23 -19.37 -4.40 27.53
N THR B 24 -20.04 -4.96 28.55
CA THR B 24 -21.38 -5.56 28.41
C THR B 24 -22.38 -4.63 27.74
N HIS B 25 -22.36 -3.35 28.13
CA HIS B 25 -23.29 -2.38 27.56
C HIS B 25 -23.00 -2.16 26.09
N MET B 26 -21.73 -2.30 25.71
CA MET B 26 -21.33 -2.23 24.30
C MET B 26 -21.80 -3.48 23.56
N ARG B 27 -21.62 -4.63 24.22
CA ARG B 27 -22.05 -5.93 23.70
C ARG B 27 -23.54 -5.91 23.38
N ASP B 28 -24.33 -5.32 24.26
CA ASP B 28 -25.78 -5.24 24.09
C ASP B 28 -26.19 -4.60 22.75
N LYS B 29 -26.88 -5.39 21.92
CA LYS B 29 -27.35 -4.92 20.60
C LYS B 29 -28.44 -3.84 20.69
N ASP B 30 -29.08 -3.70 21.85
CA ASP B 30 -30.02 -2.59 22.02
C ASP B 30 -29.33 -1.22 22.16
N THR B 31 -28.07 -1.20 22.60
CA THR B 31 -27.32 0.04 22.78
C THR B 31 -27.13 0.82 21.49
N SER B 32 -27.50 2.10 21.56
CA SER B 32 -27.46 3.04 20.42
C SER B 32 -26.06 3.22 19.85
N THR B 33 -25.98 3.83 18.67
CA THR B 33 -24.69 4.17 18.08
C THR B 33 -24.01 5.34 18.83
N ARG B 34 -24.81 6.14 19.55
CA ARG B 34 -24.28 7.22 20.37
C ARG B 34 -23.48 6.71 21.57
N THR B 35 -24.22 6.09 22.49
CA THR B 35 -23.67 5.45 23.67
C THR B 35 -22.53 4.50 23.32
N PHE B 36 -22.67 3.79 22.20
CA PHE B 36 -21.62 2.90 21.72
C PHE B 36 -20.30 3.63 21.47
N ARG B 37 -20.36 4.82 20.86
CA ARG B 37 -19.18 5.68 20.67
C ARG B 37 -18.53 6.14 21.99
N GLU B 38 -19.35 6.52 22.96
CA GLU B 38 -18.90 7.00 24.28
C GLU B 38 -18.14 5.92 25.04
N LEU B 39 -18.79 4.77 25.19
CA LEU B 39 -18.24 3.61 25.86
C LEU B 39 -16.91 3.18 25.23
N LEU B 40 -16.83 3.28 23.91
CA LEU B 40 -15.60 3.03 23.17
C LEU B 40 -14.47 3.92 23.72
N ARG B 41 -14.71 5.25 23.77
CA ARG B 41 -13.76 6.20 24.37
C ARG B 41 -13.45 5.82 25.79
N GLU B 42 -14.51 5.60 26.57
CA GLU B 42 -14.42 5.40 28.02
C GLU B 42 -13.60 4.17 28.39
N ILE B 43 -13.92 3.02 27.80
CA ILE B 43 -13.19 1.78 28.10
C ILE B 43 -11.72 2.00 27.83
N THR B 44 -11.42 2.59 26.68
CA THR B 44 -10.05 2.65 26.24
C THR B 44 -9.18 3.61 27.09
N LEU B 45 -9.77 4.70 27.57
CA LEU B 45 -9.15 5.55 28.60
C LEU B 45 -8.78 4.71 29.82
N LEU B 46 -9.75 3.95 30.34
CA LEU B 46 -9.52 3.04 31.49
C LEU B 46 -8.40 2.03 31.23
N MET B 47 -8.44 1.39 30.08
CA MET B 47 -7.37 0.49 29.65
C MET B 47 -6.03 1.20 29.58
N GLY B 48 -6.02 2.41 28.99
CA GLY B 48 -4.80 3.20 28.94
C GLY B 48 -4.25 3.45 30.32
N TYR B 49 -5.15 3.56 31.29
CA TYR B 49 -4.77 3.81 32.65
C TYR B 49 -4.04 2.60 33.29
N GLU B 50 -4.53 1.39 33.03
CA GLU B 50 -3.87 0.16 33.53
C GLU B 50 -2.47 -0.04 32.95
N ILE B 51 -2.35 0.19 31.64
CA ILE B 51 -1.10 0.01 30.92
C ILE B 51 0.01 0.93 31.42
N THR B 52 -0.37 2.11 31.92
CA THR B 52 0.57 3.19 32.21
C THR B 52 1.01 3.31 33.69
N ARG B 53 0.78 2.28 34.49
CA ARG B 53 1.15 2.30 35.93
C ARG B 53 2.64 2.51 36.14
N ASN B 54 3.43 2.05 35.18
CA ASN B 54 4.88 2.02 35.30
C ASN B 54 5.58 3.10 34.50
N LEU B 55 4.82 4.05 33.94
CA LEU B 55 5.44 5.20 33.27
C LEU B 55 6.47 5.88 34.19
N PRO B 56 7.69 6.10 33.69
CA PRO B 56 8.68 6.83 34.48
C PRO B 56 8.21 8.25 34.78
N ILE B 57 8.60 8.77 35.94
CA ILE B 57 8.33 10.15 36.34
C ILE B 57 9.63 10.97 36.36
N THR B 58 9.57 12.23 35.94
CA THR B 58 10.65 13.17 36.30
C THR B 58 10.05 14.37 37.03
N THR B 59 10.79 15.46 37.13
CA THR B 59 10.24 16.68 37.72
C THR B 59 10.42 17.90 36.84
N LYS B 60 9.83 18.99 37.29
CA LYS B 60 9.74 20.21 36.54
C LYS B 60 9.45 21.24 37.62
N ARG B 61 10.15 22.37 37.57
CA ARG B 61 9.84 23.50 38.44
C ARG B 61 8.45 24.01 38.03
N VAL B 62 7.55 24.07 39.01
CA VAL B 62 6.24 24.70 38.81
C VAL B 62 5.90 25.63 39.98
N GLU B 63 5.32 26.78 39.66
CA GLU B 63 4.87 27.70 40.69
C GLU B 63 3.40 27.42 40.99
N THR B 64 3.11 27.05 42.24
CA THR B 64 1.72 27.04 42.74
C THR B 64 1.38 28.46 43.17
N PRO B 65 0.09 28.77 43.39
CA PRO B 65 -0.19 30.06 44.00
C PRO B 65 0.55 30.34 45.33
N LEU B 66 1.08 29.31 45.99
CA LEU B 66 1.80 29.53 47.26
C LEU B 66 3.32 29.43 47.14
N VAL B 67 3.82 28.44 46.40
CA VAL B 67 5.25 28.16 46.36
C VAL B 67 5.71 27.61 45.01
N GLU B 68 6.99 27.83 44.69
CA GLU B 68 7.68 27.13 43.61
C GLU B 68 8.14 25.76 44.13
N ILE B 69 7.90 24.70 43.35
CA ILE B 69 8.29 23.33 43.72
C ILE B 69 8.92 22.54 42.56
N ASP B 70 9.43 21.34 42.88
CA ASP B 70 9.76 20.34 41.86
C ASP B 70 8.66 19.28 41.83
N ALA B 71 7.78 19.43 40.84
CA ALA B 71 6.53 18.67 40.77
C ALA B 71 6.60 17.54 39.74
N PRO B 72 6.03 16.36 40.06
CA PRO B 72 6.10 15.16 39.20
C PRO B 72 5.36 15.27 37.85
N VAL B 73 6.07 14.95 36.77
CA VAL B 73 5.49 14.87 35.41
C VAL B 73 5.95 13.63 34.65
N ILE B 74 5.19 13.25 33.63
CA ILE B 74 5.60 12.23 32.68
C ILE B 74 6.16 12.93 31.43
N ALA B 75 6.87 12.19 30.58
CA ALA B 75 7.25 12.65 29.23
C ALA B 75 6.22 12.15 28.19
N GLY B 76 5.05 12.80 28.17
CA GLY B 76 3.95 12.42 27.29
C GLY B 76 4.28 12.51 25.81
N LYS B 77 5.17 13.44 25.46
CA LYS B 77 5.64 13.61 24.08
C LYS B 77 6.36 12.37 23.52
N LYS B 78 6.93 11.56 24.41
CA LYS B 78 7.61 10.33 24.02
C LYS B 78 6.69 9.17 23.57
N LEU B 79 5.38 9.34 23.66
CA LEU B 79 4.44 8.29 23.25
C LEU B 79 3.70 8.67 22.00
N ALA B 80 3.43 7.68 21.15
CA ALA B 80 2.59 7.87 19.98
C ALA B 80 1.39 6.93 19.98
N ILE B 81 0.21 7.52 19.90
CA ILE B 81 -1.03 6.79 19.78
C ILE B 81 -1.34 6.64 18.30
N VAL B 82 -1.55 5.40 17.87
CA VAL B 82 -1.74 5.16 16.46
C VAL B 82 -3.02 4.37 16.24
N PRO B 83 -4.16 5.08 16.07
CA PRO B 83 -5.35 4.36 15.71
C PRO B 83 -5.21 3.67 14.34
N VAL B 84 -5.77 2.46 14.22
CA VAL B 84 -5.95 1.79 12.94
C VAL B 84 -7.28 2.21 12.33
N LEU B 85 -7.22 2.82 11.15
CA LEU B 85 -8.41 3.31 10.46
C LEU B 85 -9.33 2.15 10.06
N ARG B 86 -10.65 2.36 10.08
CA ARG B 86 -11.28 3.59 10.60
C ARG B 86 -11.79 3.51 12.06
N ALA B 87 -12.05 2.29 12.53
CA ALA B 87 -12.70 2.04 13.82
C ALA B 87 -11.83 2.33 15.06
N GLY B 88 -10.53 2.51 14.85
CA GLY B 88 -9.62 2.74 15.97
C GLY B 88 -9.62 4.18 16.43
N VAL B 89 -10.20 5.06 15.62
CA VAL B 89 -10.15 6.47 15.94
C VAL B 89 -10.84 6.83 17.26
N GLY B 90 -12.00 6.23 17.53
CA GLY B 90 -12.69 6.43 18.80
C GLY B 90 -11.88 6.00 20.02
N MET B 91 -11.02 5.01 19.84
CA MET B 91 -10.16 4.54 20.90
C MET B 91 -9.08 5.56 21.24
N SER B 92 -8.47 6.15 20.20
CA SER B 92 -7.36 7.07 20.38
C SER B 92 -7.83 8.36 21.04
N ASP B 93 -9.10 8.68 20.84
CA ASP B 93 -9.78 9.77 21.55
C ASP B 93 -9.65 9.62 23.05
N GLY B 94 -9.90 8.40 23.54
CA GLY B 94 -9.83 8.12 24.96
C GLY B 94 -8.42 8.18 25.48
N LEU B 95 -7.46 7.68 24.70
CA LEU B 95 -6.05 7.72 25.06
C LEU B 95 -5.52 9.14 24.97
N LEU B 96 -5.97 9.87 23.96
CA LEU B 96 -5.61 11.26 23.79
C LEU B 96 -6.19 12.14 24.87
N GLU B 97 -7.33 11.72 25.40
CA GLU B 97 -7.95 12.39 26.53
C GLU B 97 -7.12 12.16 27.78
N LEU B 98 -6.61 10.93 27.92
CA LEU B 98 -5.78 10.55 29.05
C LEU B 98 -4.40 11.23 29.05
N ILE B 99 -3.75 11.26 27.87
CA ILE B 99 -2.38 11.77 27.65
C ILE B 99 -2.38 12.72 26.43
N PRO B 100 -2.84 13.97 26.63
CA PRO B 100 -3.02 14.89 25.51
C PRO B 100 -1.74 15.28 24.79
N SER B 101 -0.60 15.21 25.48
CA SER B 101 0.67 15.65 24.89
C SER B 101 1.23 14.67 23.83
N ALA B 102 0.60 13.51 23.71
CA ALA B 102 1.11 12.42 22.86
C ALA B 102 1.08 12.77 21.37
N ARG B 103 1.98 12.16 20.61
CA ARG B 103 1.94 12.25 19.15
C ARG B 103 0.88 11.29 18.64
N VAL B 104 0.13 11.73 17.63
CA VAL B 104 -0.85 10.86 16.98
C VAL B 104 -0.31 10.43 15.64
N GLY B 105 -0.40 9.13 15.35
CA GLY B 105 -0.12 8.59 14.03
C GLY B 105 -1.36 7.87 13.51
N HIS B 106 -1.37 7.50 12.24
CA HIS B 106 -2.51 6.81 11.66
C HIS B 106 -2.02 5.73 10.72
N ILE B 107 -2.71 4.59 10.76
CA ILE B 107 -2.43 3.47 9.87
C ILE B 107 -3.70 2.97 9.19
N GLY B 108 -3.64 2.95 7.87
CA GLY B 108 -4.72 2.45 7.03
C GLY B 108 -4.40 1.07 6.47
N VAL B 109 -5.19 0.09 6.86
CA VAL B 109 -5.00 -1.29 6.42
C VAL B 109 -6.30 -1.87 5.84
N TYR B 110 -6.20 -2.53 4.70
CA TYR B 110 -7.35 -3.20 4.09
C TYR B 110 -7.58 -4.56 4.74
N ARG B 111 -8.83 -4.87 5.04
CA ARG B 111 -9.22 -6.10 5.76
C ARG B 111 -9.06 -7.38 4.91
N ALA B 112 -7.88 -8.00 4.99
CA ALA B 112 -7.56 -9.25 4.29
C ALA B 112 -7.54 -10.45 5.26
N ASP B 113 -7.74 -11.63 4.71
CA ASP B 113 -7.67 -12.85 5.54
C ASP B 113 -6.49 -13.75 5.15
N ASP B 114 -5.35 -13.12 4.88
CA ASP B 114 -4.08 -13.79 4.57
C ASP B 114 -3.00 -12.73 4.42
N HIS B 115 -1.75 -13.16 4.18
CA HIS B 115 -0.60 -12.24 4.13
C HIS B 115 -0.28 -11.69 2.73
N ARG B 116 -1.18 -10.85 2.22
CA ARG B 116 -0.96 -10.08 0.98
C ARG B 116 -0.59 -8.62 1.33
N PRO B 117 -0.17 -7.80 0.34
CA PRO B 117 0.03 -6.36 0.63
C PRO B 117 -1.31 -5.63 0.82
N VAL B 118 -1.45 -4.86 1.90
CA VAL B 118 -2.76 -4.29 2.31
C VAL B 118 -2.75 -2.80 2.67
N GLU B 119 -1.56 -2.27 2.92
CA GLU B 119 -1.40 -0.93 3.48
C GLU B 119 -1.74 0.18 2.48
N TYR B 120 -2.63 1.08 2.88
CA TYR B 120 -3.02 2.23 2.05
C TYR B 120 -2.75 3.61 2.70
N LEU B 121 -2.61 3.66 4.02
CA LEU B 121 -2.15 4.88 4.66
C LEU B 121 -1.15 4.63 5.78
N VAL B 122 -0.04 5.33 5.74
CA VAL B 122 0.84 5.38 6.88
C VAL B 122 1.16 6.83 7.13
N ARG B 123 0.76 7.34 8.28
CA ARG B 123 1.25 8.64 8.70
C ARG B 123 1.76 8.59 10.13
N LEU B 124 3.06 8.75 10.31
CA LEU B 124 3.68 8.55 11.60
C LEU B 124 4.57 9.70 12.05
N PRO B 125 4.61 9.97 13.36
CA PRO B 125 5.64 10.87 13.88
C PRO B 125 7.05 10.28 13.72
N ASP B 126 8.05 11.12 14.00
CA ASP B 126 9.44 10.72 14.24
C ASP B 126 9.52 9.45 15.08
N LEU B 127 10.39 8.52 14.69
CA LEU B 127 10.47 7.21 15.34
C LEU B 127 11.44 7.13 16.52
N GLU B 128 12.43 8.02 16.54
CA GLU B 128 13.48 8.09 17.57
C GLU B 128 12.94 7.90 19.00
N ASP B 129 13.54 6.99 19.76
CA ASP B 129 13.21 6.77 21.19
C ASP B 129 11.74 7.02 21.59
N ARG B 130 10.85 6.23 21.00
CA ARG B 130 9.41 6.48 21.05
C ARG B 130 8.62 5.18 21.15
N ILE B 131 7.64 5.15 22.03
CA ILE B 131 6.81 3.96 22.15
C ILE B 131 5.55 4.15 21.31
N PHE B 132 5.12 3.07 20.65
CA PHE B 132 3.93 3.16 19.82
C PHE B 132 2.81 2.28 20.34
N ILE B 133 1.62 2.87 20.48
CA ILE B 133 0.44 2.14 20.95
C ILE B 133 -0.62 2.16 19.87
N LEU B 134 -0.81 1.02 19.21
CA LEU B 134 -1.82 0.91 18.17
C LEU B 134 -3.16 0.53 18.78
N CYS B 135 -4.25 0.92 18.14
CA CYS B 135 -5.55 0.46 18.59
C CYS B 135 -6.58 0.26 17.50
N ASP B 136 -7.40 -0.76 17.72
CA ASP B 136 -8.50 -1.21 16.86
C ASP B 136 -9.39 -2.01 17.82
N PRO B 137 -10.72 -1.80 17.78
CA PRO B 137 -11.62 -2.50 18.72
C PRO B 137 -11.59 -4.02 18.66
N MET B 138 -11.41 -4.53 17.45
CA MET B 138 -11.61 -5.93 17.13
C MET B 138 -10.32 -6.59 16.66
N VAL B 139 -9.98 -7.72 17.25
CA VAL B 139 -8.96 -8.61 16.67
C VAL B 139 -9.59 -9.95 16.34
N ALA B 140 -10.20 -10.05 15.17
CA ALA B 140 -10.94 -11.24 14.76
C ALA B 140 -9.97 -12.29 14.21
N THR B 141 -9.49 -12.09 12.99
CA THR B 141 -8.58 -13.04 12.36
C THR B 141 -7.15 -12.76 12.79
N GLY B 142 -6.89 -11.51 13.19
CA GLY B 142 -5.55 -11.12 13.63
C GLY B 142 -4.66 -10.68 12.48
N TYR B 143 -5.22 -10.65 11.28
CA TYR B 143 -4.45 -10.26 10.11
C TYR B 143 -4.28 -8.76 10.05
N SER B 144 -5.36 -8.04 10.35
CA SER B 144 -5.32 -6.59 10.39
C SER B 144 -4.37 -6.05 11.45
N ALA B 145 -4.28 -6.74 12.59
CA ALA B 145 -3.41 -6.26 13.67
C ALA B 145 -1.95 -6.54 13.31
N ALA B 146 -1.71 -7.74 12.78
CA ALA B 146 -0.39 -8.11 12.31
C ALA B 146 0.11 -7.09 11.30
N HIS B 147 -0.63 -6.88 10.22
CA HIS B 147 -0.22 -5.92 9.19
C HIS B 147 0.03 -4.52 9.74
N ALA B 148 -0.81 -4.08 10.68
CA ALA B 148 -0.67 -2.75 11.24
C ALA B 148 0.65 -2.64 11.97
N ILE B 149 0.99 -3.68 12.71
CA ILE B 149 2.25 -3.77 13.41
C ILE B 149 3.42 -3.89 12.44
N ASP B 150 3.20 -4.66 11.38
CA ASP B 150 4.14 -4.86 10.26
C ASP B 150 4.69 -3.56 9.69
N VAL B 151 3.86 -2.53 9.73
CA VAL B 151 4.21 -1.20 9.27
C VAL B 151 5.33 -0.65 10.14
N LEU B 152 5.27 -0.87 11.45
CA LEU B 152 6.27 -0.32 12.32
C LEU B 152 7.55 -1.14 12.30
N LYS B 153 7.36 -2.45 12.15
CA LYS B 153 8.47 -3.38 12.06
C LYS B 153 9.27 -3.20 10.78
N ARG B 154 8.61 -2.91 9.67
CA ARG B 154 9.30 -2.53 8.45
C ARG B 154 10.19 -1.30 8.61
N ARG B 155 9.80 -0.39 9.49
CA ARG B 155 10.53 0.85 9.69
C ARG B 155 11.58 0.75 10.81
N GLY B 156 11.84 -0.46 11.27
CA GLY B 156 12.96 -0.72 12.15
C GLY B 156 12.66 -0.70 13.63
N VAL B 157 11.45 -0.29 14.01
CA VAL B 157 11.09 -0.31 15.43
C VAL B 157 10.75 -1.74 15.88
N PRO B 158 11.43 -2.21 16.96
CA PRO B 158 11.30 -3.59 17.42
C PRO B 158 10.10 -3.81 18.35
N GLY B 159 9.75 -5.08 18.53
CA GLY B 159 8.65 -5.51 19.39
C GLY B 159 8.57 -4.83 20.74
N GLU B 160 9.71 -4.71 21.41
CA GLU B 160 9.79 -4.14 22.76
C GLU B 160 9.18 -2.75 22.88
N ARG B 161 9.15 -1.98 21.79
CA ARG B 161 8.62 -0.62 21.81
C ARG B 161 7.23 -0.51 21.22
N LEU B 162 6.60 -1.66 20.95
CA LEU B 162 5.25 -1.71 20.36
C LEU B 162 4.20 -2.35 21.28
N MET B 163 2.98 -1.83 21.17
CA MET B 163 1.84 -2.31 21.91
C MET B 163 0.61 -2.21 21.04
N PHE B 164 -0.31 -3.14 21.23
CA PHE B 164 -1.57 -3.09 20.51
C PHE B 164 -2.71 -3.14 21.53
N LEU B 165 -3.69 -2.27 21.34
CA LEU B 165 -4.84 -2.14 22.26
C LEU B 165 -6.09 -2.58 21.55
N ALA B 166 -6.81 -3.53 22.13
CA ALA B 166 -8.09 -3.93 21.55
C ALA B 166 -9.19 -4.07 22.59
N LEU B 167 -10.44 -4.17 22.13
CA LEU B 167 -11.56 -4.39 23.05
C LEU B 167 -11.79 -5.86 23.26
N VAL B 168 -11.95 -6.58 22.15
CA VAL B 168 -12.31 -7.97 22.17
C VAL B 168 -11.41 -8.68 21.15
N ALA B 169 -10.92 -9.86 21.54
CA ALA B 169 -10.16 -10.70 20.61
C ALA B 169 -10.69 -12.13 20.60
N ALA B 170 -10.50 -12.80 19.46
CA ALA B 170 -10.81 -14.22 19.34
C ALA B 170 -9.49 -14.97 19.44
N PRO B 171 -9.49 -16.15 20.10
CA PRO B 171 -8.24 -16.90 20.21
C PRO B 171 -7.54 -17.20 18.88
N GLU B 172 -8.28 -17.35 17.78
CA GLU B 172 -7.63 -17.64 16.50
C GLU B 172 -6.87 -16.42 15.99
N GLY B 173 -7.40 -15.24 16.29
CA GLY B 173 -6.72 -13.97 16.01
C GLY B 173 -5.49 -13.77 16.87
N VAL B 174 -5.63 -13.88 18.20
CA VAL B 174 -4.48 -13.71 19.09
C VAL B 174 -3.32 -14.60 18.64
N GLN B 175 -3.66 -15.77 18.08
CA GLN B 175 -2.66 -16.76 17.62
C GLN B 175 -1.93 -16.30 16.37
N VAL B 176 -2.67 -15.80 15.39
CA VAL B 176 -2.06 -15.30 14.18
C VAL B 176 -1.11 -14.16 14.52
N PHE B 177 -1.61 -13.25 15.37
CA PHE B 177 -0.85 -12.09 15.82
C PHE B 177 0.44 -12.49 16.52
N GLN B 178 0.33 -13.46 17.42
CA GLN B 178 1.43 -14.00 18.18
C GLN B 178 2.52 -14.62 17.31
N ASP B 179 2.11 -15.39 16.30
CA ASP B 179 3.04 -15.99 15.35
C ASP B 179 3.87 -14.94 14.63
N ALA B 180 3.23 -13.89 14.15
CA ALA B 180 3.92 -12.82 13.44
C ALA B 180 4.76 -11.92 14.36
N HIS B 181 4.23 -11.59 15.54
CA HIS B 181 4.91 -10.68 16.46
C HIS B 181 4.85 -11.22 17.89
N PRO B 182 5.74 -12.16 18.23
CA PRO B 182 5.64 -12.71 19.59
C PRO B 182 6.11 -11.74 20.68
N ASP B 183 6.84 -10.68 20.32
CA ASP B 183 7.38 -9.78 21.34
C ASP B 183 6.55 -8.53 21.58
N VAL B 184 5.46 -8.39 20.83
CA VAL B 184 4.56 -7.24 20.94
C VAL B 184 3.36 -7.53 21.88
N LYS B 185 3.22 -6.73 22.92
CA LYS B 185 2.16 -6.90 23.90
C LYS B 185 0.81 -6.53 23.32
N LEU B 186 -0.19 -7.33 23.67
CA LEU B 186 -1.54 -7.12 23.22
C LEU B 186 -2.46 -7.06 24.43
N TYR B 187 -3.16 -5.93 24.55
CA TYR B 187 -4.05 -5.64 25.66
C TYR B 187 -5.49 -5.71 25.20
N VAL B 188 -6.32 -6.28 26.04
CA VAL B 188 -7.62 -6.71 25.62
C VAL B 188 -8.59 -6.57 26.78
N ALA B 189 -9.84 -6.23 26.49
CA ALA B 189 -10.87 -6.16 27.51
C ALA B 189 -11.43 -7.57 27.78
N SER B 190 -11.55 -8.37 26.73
CA SER B 190 -12.04 -9.75 26.86
C SER B 190 -11.47 -10.61 25.77
N LEU B 191 -11.04 -11.81 26.14
CA LEU B 191 -10.70 -12.83 25.18
C LEU B 191 -11.97 -13.64 25.01
N ASP B 192 -12.66 -13.42 23.88
CA ASP B 192 -13.95 -14.07 23.62
C ASP B 192 -13.68 -15.51 23.21
N SER B 193 -14.66 -16.24 22.68
CA SER B 193 -14.47 -17.69 22.52
C SER B 193 -13.99 -18.18 21.13
N HIS B 194 -14.67 -17.77 20.06
CA HIS B 194 -14.36 -18.28 18.72
C HIS B 194 -14.82 -17.32 17.63
N LEU B 195 -14.50 -17.64 16.37
CA LEU B 195 -15.03 -16.86 15.24
C LEU B 195 -16.19 -17.64 14.63
N ASP B 196 -17.13 -16.94 14.01
CA ASP B 196 -18.21 -17.62 13.31
C ASP B 196 -17.82 -17.86 11.85
N ASP B 197 -18.78 -18.32 11.03
CA ASP B 197 -18.51 -18.61 9.62
C ASP B 197 -18.19 -17.35 8.83
N HIS B 198 -18.62 -16.20 9.38
CA HIS B 198 -18.39 -14.93 8.72
C HIS B 198 -17.25 -14.13 9.35
N ALA B 199 -16.44 -14.79 10.18
CA ALA B 199 -15.28 -14.19 10.86
C ALA B 199 -15.64 -13.08 11.85
N TYR B 200 -16.85 -13.11 12.37
CA TYR B 200 -17.21 -12.27 13.49
C TYR B 200 -16.84 -12.94 14.82
N ILE B 201 -16.27 -12.16 15.73
CA ILE B 201 -15.99 -12.60 17.10
C ILE B 201 -17.27 -12.94 17.84
N VAL B 202 -17.28 -14.13 18.47
CA VAL B 202 -18.41 -14.60 19.25
C VAL B 202 -17.99 -14.71 20.71
N PRO B 203 -18.80 -14.18 21.64
CA PRO B 203 -20.02 -13.37 21.49
C PRO B 203 -19.80 -11.97 20.88
N GLY B 204 -18.60 -11.41 21.06
CA GLY B 204 -18.22 -10.16 20.40
C GLY B 204 -19.12 -8.96 20.63
N LEU B 205 -19.20 -8.10 19.61
CA LEU B 205 -19.94 -6.84 19.70
C LEU B 205 -20.73 -6.60 18.41
N GLY B 206 -20.64 -7.56 17.49
CA GLY B 206 -21.21 -7.42 16.16
C GLY B 206 -20.22 -6.69 15.28
N ASP B 207 -20.72 -6.20 14.14
CA ASP B 207 -19.87 -5.50 13.20
C ASP B 207 -19.54 -4.10 13.76
N ALA B 208 -18.28 -3.91 14.16
CA ALA B 208 -17.79 -2.65 14.73
C ALA B 208 -18.21 -1.41 13.92
N GLY B 209 -17.91 -1.44 12.62
CA GLY B 209 -18.23 -0.33 11.72
C GLY B 209 -19.71 0.04 11.74
N ASP B 210 -20.57 -0.97 11.62
CA ASP B 210 -22.02 -0.77 11.67
C ASP B 210 -22.52 -0.18 12.97
N ARG B 211 -21.87 -0.52 14.07
CA ARG B 211 -22.35 -0.07 15.36
C ARG B 211 -21.80 1.28 15.72
N LEU B 212 -20.68 1.65 15.12
CA LEU B 212 -20.11 2.97 15.31
C LEU B 212 -20.73 3.98 14.35
N PHE B 213 -21.01 3.52 13.12
CA PHE B 213 -21.44 4.41 12.05
C PHE B 213 -22.85 4.13 11.47
N GLY B 214 -23.61 3.25 12.11
CA GLY B 214 -24.99 2.96 11.71
C GLY B 214 -25.09 1.84 10.69
N SER C 1 -0.46 -1.12 -38.70
CA SER C 1 -0.38 0.03 -37.73
C SER C 1 -1.55 0.11 -36.70
N MET C 2 -2.29 1.23 -36.68
CA MET C 2 -3.15 1.57 -35.53
C MET C 2 -4.61 1.82 -35.84
N LYS C 3 -5.48 1.44 -34.91
CA LYS C 3 -6.90 1.82 -34.95
C LYS C 3 -7.43 2.27 -33.59
N GLN C 4 -8.61 2.89 -33.60
CA GLN C 4 -9.14 3.57 -32.44
C GLN C 4 -10.62 3.33 -32.22
N ASP C 5 -11.03 3.30 -30.96
CA ASP C 5 -12.43 3.23 -30.58
C ASP C 5 -12.93 4.64 -30.26
N SER C 6 -14.10 4.98 -30.80
CA SER C 6 -14.73 6.29 -30.63
C SER C 6 -14.88 6.81 -29.18
N ARG C 7 -14.95 5.93 -28.19
CA ARG C 7 -15.10 6.34 -26.79
C ARG C 7 -13.78 6.79 -26.14
N PHE C 8 -12.66 6.41 -26.72
CA PHE C 8 -11.39 6.56 -26.02
C PHE C 8 -10.31 7.23 -26.87
N PRO C 9 -10.24 8.57 -26.84
CA PRO C 9 -9.37 9.33 -27.75
C PRO C 9 -7.88 9.06 -27.59
N ASN C 10 -7.46 8.54 -26.44
CA ASN C 10 -6.03 8.19 -26.22
C ASN C 10 -5.73 6.70 -26.07
N LEU C 11 -6.69 5.88 -26.44
CA LEU C 11 -6.43 4.46 -26.63
C LEU C 11 -6.02 4.22 -28.10
N PHE C 12 -4.99 3.40 -28.27
CA PHE C 12 -4.51 3.00 -29.59
C PHE C 12 -4.39 1.48 -29.62
N ILE C 13 -5.04 0.91 -30.61
CA ILE C 13 -5.10 -0.53 -30.80
C ILE C 13 -4.18 -0.91 -31.95
N LEU C 14 -3.10 -1.59 -31.59
CA LEU C 14 -2.07 -1.98 -32.54
C LEU C 14 -2.48 -3.31 -33.15
N ASP C 15 -2.88 -3.28 -34.43
CA ASP C 15 -3.56 -4.40 -35.06
C ASP C 15 -2.86 -5.00 -36.28
N HIS C 16 -1.54 -4.83 -36.33
CA HIS C 16 -0.74 -5.56 -37.28
C HIS C 16 -1.12 -7.05 -37.22
N PRO C 17 -1.29 -7.69 -38.38
CA PRO C 17 -1.62 -9.11 -38.45
C PRO C 17 -0.78 -9.98 -37.50
N LEU C 18 0.53 -9.71 -37.40
CA LEU C 18 1.37 -10.61 -36.62
C LEU C 18 1.23 -10.43 -35.12
N ILE C 19 0.85 -9.21 -34.68
CA ILE C 19 0.49 -8.98 -33.28
C ILE C 19 -0.78 -9.77 -32.96
N GLN C 20 -1.81 -9.57 -33.78
CA GLN C 20 -3.07 -10.34 -33.70
C GLN C 20 -2.80 -11.84 -33.68
N HIS C 21 -2.05 -12.32 -34.66
CA HIS C 21 -1.80 -13.75 -34.79
C HIS C 21 -1.20 -14.30 -33.50
N LYS C 22 -0.16 -13.63 -33.01
CA LYS C 22 0.53 -14.05 -31.78
C LYS C 22 -0.33 -13.90 -30.51
N LEU C 23 -1.21 -12.88 -30.50
CA LEU C 23 -2.14 -12.69 -29.40
C LEU C 23 -3.08 -13.88 -29.31
N THR C 24 -3.60 -14.30 -30.46
CA THR C 24 -4.51 -15.43 -30.56
C THR C 24 -3.96 -16.73 -29.96
N HIS C 25 -2.69 -17.03 -30.26
CA HIS C 25 -2.01 -18.22 -29.70
C HIS C 25 -1.92 -18.11 -28.20
N MET C 26 -1.69 -16.89 -27.69
CA MET C 26 -1.69 -16.60 -26.26
C MET C 26 -3.06 -16.84 -25.64
N ARG C 27 -4.10 -16.42 -26.36
CA ARG C 27 -5.46 -16.60 -25.89
C ARG C 27 -5.76 -18.09 -25.66
N ASP C 28 -5.27 -18.93 -26.56
CA ASP C 28 -5.53 -20.37 -26.54
C ASP C 28 -5.08 -20.98 -25.23
N LYS C 29 -6.02 -21.61 -24.52
CA LYS C 29 -5.76 -22.16 -23.19
C LYS C 29 -4.93 -23.43 -23.26
N ASP C 30 -4.82 -24.00 -24.46
CA ASP C 30 -3.94 -25.14 -24.67
C ASP C 30 -2.54 -24.72 -25.09
N THR C 31 -2.19 -23.45 -24.89
CA THR C 31 -0.84 -23.01 -25.22
C THR C 31 0.06 -23.14 -23.99
N SER C 32 1.15 -23.88 -24.15
CA SER C 32 2.11 -24.13 -23.09
C SER C 32 2.54 -22.84 -22.43
N THR C 33 2.68 -22.87 -21.10
CA THR C 33 3.17 -21.71 -20.33
C THR C 33 4.60 -21.33 -20.75
N ARG C 34 5.27 -22.24 -21.46
CA ARG C 34 6.56 -21.99 -22.10
C ARG C 34 6.38 -20.96 -23.22
N THR C 35 5.59 -21.34 -24.23
CA THR C 35 5.28 -20.47 -25.37
C THR C 35 4.53 -19.20 -24.96
N PHE C 36 3.65 -19.33 -23.97
CA PHE C 36 2.92 -18.19 -23.45
C PHE C 36 3.88 -17.09 -23.02
N ARG C 37 4.95 -17.47 -22.31
CA ARG C 37 5.98 -16.52 -21.87
C ARG C 37 6.73 -15.87 -23.02
N GLU C 38 7.10 -16.67 -24.01
CA GLU C 38 7.78 -16.17 -25.20
C GLU C 38 6.94 -15.12 -25.93
N LEU C 39 5.67 -15.45 -26.15
CA LEU C 39 4.72 -14.61 -26.88
C LEU C 39 4.54 -13.24 -26.23
N LEU C 40 4.61 -13.21 -24.90
CA LEU C 40 4.49 -11.99 -24.12
C LEU C 40 5.61 -11.03 -24.48
N ARG C 41 6.85 -11.53 -24.47
CA ARG C 41 8.01 -10.77 -24.90
C ARG C 41 7.86 -10.33 -26.35
N GLU C 42 7.51 -11.28 -27.22
CA GLU C 42 7.48 -11.06 -28.67
C GLU C 42 6.46 -10.01 -29.09
N ILE C 43 5.26 -10.11 -28.52
CA ILE C 43 4.20 -9.14 -28.78
C ILE C 43 4.62 -7.74 -28.34
N THR C 44 5.26 -7.66 -27.17
CA THR C 44 5.63 -6.37 -26.61
C THR C 44 6.73 -5.69 -27.43
N LEU C 45 7.74 -6.46 -27.80
CA LEU C 45 8.79 -6.02 -28.73
C LEU C 45 8.13 -5.36 -29.94
N LEU C 46 7.27 -6.12 -30.61
CA LEU C 46 6.56 -5.64 -31.79
C LEU C 46 5.74 -4.39 -31.52
N MET C 47 4.95 -4.36 -30.47
CA MET C 47 4.15 -3.17 -30.27
C MET C 47 5.00 -1.95 -29.80
N GLY C 48 6.07 -2.21 -29.08
CA GLY C 48 7.08 -1.18 -28.81
C GLY C 48 7.67 -0.60 -30.10
N TYR C 49 7.91 -1.48 -31.07
CA TYR C 49 8.37 -1.04 -32.37
C TYR C 49 7.38 -0.03 -33.00
N GLU C 50 6.07 -0.33 -32.95
CA GLU C 50 5.05 0.58 -33.52
C GLU C 50 5.08 1.93 -32.88
N ILE C 51 5.36 1.94 -31.59
CA ILE C 51 5.25 3.15 -30.79
C ILE C 51 6.39 4.11 -31.08
N THR C 52 7.50 3.55 -31.51
CA THR C 52 8.75 4.31 -31.50
C THR C 52 9.11 4.91 -32.86
N ARG C 53 8.15 4.93 -33.79
CA ARG C 53 8.36 5.46 -35.15
C ARG C 53 8.91 6.87 -35.20
N ASN C 54 8.57 7.67 -34.20
CA ASN C 54 8.92 9.07 -34.24
C ASN C 54 10.00 9.42 -33.27
N LEU C 55 10.69 8.43 -32.72
CA LEU C 55 11.84 8.74 -31.87
C LEU C 55 12.83 9.66 -32.59
N PRO C 56 13.24 10.76 -31.93
CA PRO C 56 14.25 11.65 -32.50
C PRO C 56 15.53 10.87 -32.85
N ILE C 57 16.15 11.20 -33.97
CA ILE C 57 17.46 10.63 -34.33
C ILE C 57 18.55 11.72 -34.39
N THR C 58 19.67 11.51 -33.69
CA THR C 58 20.86 12.34 -33.88
C THR C 58 21.93 11.45 -34.50
N THR C 59 23.21 11.81 -34.34
CA THR C 59 24.32 11.04 -34.91
C THR C 59 25.54 10.92 -33.98
N LYS C 60 26.25 9.81 -34.07
CA LYS C 60 27.55 9.62 -33.43
C LYS C 60 28.58 9.51 -34.54
N ARG C 61 29.81 9.92 -34.24
CA ARG C 61 30.93 9.54 -35.08
C ARG C 61 31.20 8.06 -34.82
N VAL C 62 31.32 7.30 -35.90
CA VAL C 62 31.57 5.87 -35.81
C VAL C 62 32.50 5.46 -36.93
N GLU C 63 33.43 4.58 -36.62
CA GLU C 63 34.29 4.00 -37.64
C GLU C 63 33.76 2.65 -38.10
N THR C 64 33.31 2.59 -39.36
CA THR C 64 33.05 1.30 -40.03
C THR C 64 34.42 0.68 -40.35
N PRO C 65 34.45 -0.62 -40.70
CA PRO C 65 35.72 -1.15 -41.21
C PRO C 65 36.31 -0.39 -42.41
N LEU C 66 35.48 0.32 -43.18
CA LEU C 66 35.97 1.08 -44.33
C LEU C 66 36.30 2.54 -44.06
N VAL C 67 35.46 3.19 -43.25
CA VAL C 67 35.33 4.64 -43.28
C VAL C 67 34.72 5.18 -41.97
N GLU C 68 35.04 6.44 -41.65
CA GLU C 68 34.43 7.11 -40.50
C GLU C 68 33.23 7.95 -40.96
N ILE C 69 32.14 7.93 -40.18
CA ILE C 69 30.88 8.59 -40.57
C ILE C 69 30.13 9.21 -39.40
N ASP C 70 29.17 10.08 -39.72
CA ASP C 70 28.11 10.48 -38.79
C ASP C 70 26.89 9.58 -38.97
N ALA C 71 26.77 8.61 -38.08
CA ALA C 71 25.80 7.54 -38.22
C ALA C 71 24.58 7.76 -37.31
N PRO C 72 23.38 7.49 -37.85
CA PRO C 72 22.14 7.75 -37.10
C PRO C 72 21.98 6.90 -35.84
N VAL C 73 21.71 7.56 -34.71
CA VAL C 73 21.36 6.87 -33.47
C VAL C 73 20.20 7.54 -32.75
N ILE C 74 19.71 6.85 -31.74
CA ILE C 74 18.64 7.30 -30.87
C ILE C 74 19.23 7.56 -29.49
N ALA C 75 18.63 8.49 -28.73
CA ALA C 75 19.01 8.68 -27.33
C ALA C 75 18.27 7.68 -26.42
N GLY C 76 18.68 6.41 -26.48
CA GLY C 76 18.04 5.35 -25.71
C GLY C 76 17.91 5.65 -24.22
N LYS C 77 18.97 6.18 -23.63
CA LYS C 77 18.99 6.52 -22.18
C LYS C 77 17.95 7.56 -21.74
N LYS C 78 17.29 8.21 -22.69
CA LYS C 78 16.20 9.15 -22.38
C LYS C 78 14.84 8.47 -22.16
N LEU C 79 14.84 7.15 -22.08
CA LEU C 79 13.61 6.35 -21.91
C LEU C 79 13.69 5.49 -20.69
N ALA C 80 12.59 5.39 -19.96
CA ALA C 80 12.49 4.40 -18.89
C ALA C 80 11.38 3.40 -19.16
N ILE C 81 11.73 2.12 -19.12
CA ILE C 81 10.74 1.05 -19.18
C ILE C 81 10.38 0.72 -17.75
N VAL C 82 9.10 0.82 -17.41
CA VAL C 82 8.69 0.53 -16.05
C VAL C 82 7.65 -0.57 -16.04
N PRO C 83 8.10 -1.83 -15.88
CA PRO C 83 7.16 -2.90 -15.64
C PRO C 83 6.39 -2.68 -14.33
N VAL C 84 5.10 -3.00 -14.38
CA VAL C 84 4.25 -3.01 -13.19
C VAL C 84 4.34 -4.43 -12.67
N LEU C 85 4.91 -4.60 -11.47
CA LEU C 85 5.07 -5.92 -10.87
C LEU C 85 3.72 -6.54 -10.47
N ARG C 86 3.63 -7.89 -10.48
CA ARG C 86 4.70 -8.77 -10.99
C ARG C 86 4.66 -9.14 -12.50
N ALA C 87 3.47 -9.10 -13.08
CA ALA C 87 3.21 -9.61 -14.45
C ALA C 87 3.80 -8.79 -15.62
N GLY C 88 4.10 -7.51 -15.39
CA GLY C 88 4.69 -6.63 -16.39
C GLY C 88 6.13 -7.00 -16.75
N VAL C 89 6.77 -7.82 -15.93
CA VAL C 89 8.16 -8.23 -16.13
C VAL C 89 8.47 -8.83 -17.52
N GLY C 90 7.67 -9.79 -17.96
CA GLY C 90 7.83 -10.36 -19.31
C GLY C 90 7.71 -9.34 -20.46
N MET C 91 6.92 -8.30 -20.27
CA MET C 91 6.76 -7.27 -21.28
C MET C 91 7.99 -6.38 -21.39
N SER C 92 8.58 -6.05 -20.24
CA SER C 92 9.74 -5.15 -20.21
C SER C 92 10.95 -5.84 -20.83
N ASP C 93 11.06 -7.14 -20.62
CA ASP C 93 12.02 -7.97 -21.31
C ASP C 93 12.08 -7.66 -22.82
N GLY C 94 10.92 -7.59 -23.47
CA GLY C 94 10.84 -7.36 -24.91
C GLY C 94 11.15 -5.92 -25.33
N LEU C 95 10.75 -4.96 -24.49
CA LEU C 95 11.09 -3.55 -24.72
C LEU C 95 12.57 -3.35 -24.55
N LEU C 96 13.09 -4.02 -23.52
CA LEU C 96 14.51 -4.03 -23.22
C LEU C 96 15.27 -4.76 -24.29
N GLU C 97 14.66 -5.75 -24.90
CA GLU C 97 15.25 -6.49 -26.01
C GLU C 97 15.36 -5.53 -27.20
N LEU C 98 14.33 -4.70 -27.37
CA LEU C 98 14.24 -3.74 -28.45
C LEU C 98 15.07 -2.48 -28.23
N ILE C 99 15.03 -1.92 -27.01
CA ILE C 99 15.87 -0.78 -26.63
C ILE C 99 16.71 -1.10 -25.39
N PRO C 100 17.86 -1.77 -25.60
CA PRO C 100 18.63 -2.29 -24.47
C PRO C 100 19.23 -1.22 -23.57
N SER C 101 19.39 0.00 -24.10
CA SER C 101 20.06 1.05 -23.34
C SER C 101 19.13 1.85 -22.42
N ALA C 102 17.85 1.46 -22.37
CA ALA C 102 16.87 2.20 -21.57
C ALA C 102 17.06 1.98 -20.08
N ARG C 103 16.64 2.96 -19.28
CA ARG C 103 16.61 2.80 -17.84
C ARG C 103 15.41 1.95 -17.44
N VAL C 104 15.58 1.20 -16.36
CA VAL C 104 14.53 0.33 -15.84
C VAL C 104 14.10 0.78 -14.44
N GLY C 105 12.81 1.05 -14.32
CA GLY C 105 12.19 1.30 -13.03
C GLY C 105 11.19 0.19 -12.76
N HIS C 106 10.67 0.15 -11.55
CA HIS C 106 9.69 -0.86 -11.18
C HIS C 106 8.60 -0.25 -10.30
N ILE C 107 7.36 -0.66 -10.57
CA ILE C 107 6.25 -0.29 -9.73
C ILE C 107 5.48 -1.54 -9.31
N GLY C 108 5.49 -1.81 -8.00
CA GLY C 108 4.73 -2.89 -7.41
C GLY C 108 3.31 -2.48 -7.08
N VAL C 109 2.35 -2.96 -7.88
CA VAL C 109 0.92 -2.78 -7.61
C VAL C 109 0.25 -4.14 -7.48
N TYR C 110 -0.48 -4.32 -6.38
CA TYR C 110 -1.23 -5.54 -6.12
C TYR C 110 -2.71 -5.20 -6.12
N ARG C 111 -3.50 -5.98 -6.88
CA ARG C 111 -4.96 -5.79 -6.92
C ARG C 111 -5.66 -7.01 -6.36
N ALA C 112 -6.48 -6.80 -5.32
CA ALA C 112 -7.29 -7.87 -4.73
C ALA C 112 -8.74 -7.72 -5.17
N ASP C 113 -9.55 -8.77 -4.98
CA ASP C 113 -11.00 -8.66 -5.21
C ASP C 113 -11.63 -7.65 -4.23
N ASP C 114 -11.13 -7.68 -2.99
CA ASP C 114 -11.21 -6.57 -2.02
C ASP C 114 -12.57 -5.89 -1.95
N ARG C 116 -9.36 -3.04 -4.14
CA ARG C 116 -8.70 -1.77 -4.43
C ARG C 116 -7.17 -1.92 -4.37
N PRO C 117 -6.45 -1.39 -5.40
CA PRO C 117 -5.01 -1.67 -5.58
C PRO C 117 -4.09 -1.06 -4.51
N VAL C 118 -3.01 -1.77 -4.22
CA VAL C 118 -2.06 -1.38 -3.20
C VAL C 118 -0.70 -1.13 -3.84
N GLU C 119 -0.10 0.02 -3.52
CA GLU C 119 1.29 0.30 -3.90
C GLU C 119 2.26 -0.28 -2.88
N TYR C 120 3.03 -1.29 -3.30
CA TYR C 120 3.97 -1.91 -2.37
C TYR C 120 5.44 -1.77 -2.78
N LEU C 121 5.70 -1.09 -3.90
CA LEU C 121 7.08 -0.83 -4.32
C LEU C 121 7.15 0.24 -5.40
N VAL C 122 8.08 1.18 -5.21
CA VAL C 122 8.40 2.19 -6.22
C VAL C 122 9.91 2.36 -6.31
N ARG C 123 10.46 2.10 -7.49
CA ARG C 123 11.89 2.24 -7.68
C ARG C 123 12.09 2.85 -9.06
N LEU C 124 12.39 4.14 -9.11
CA LEU C 124 12.50 4.87 -10.38
C LEU C 124 13.85 5.50 -10.63
N PRO C 125 14.25 5.60 -11.90
CA PRO C 125 15.39 6.42 -12.27
C PRO C 125 15.10 7.92 -12.14
N ASP C 126 16.15 8.73 -12.38
CA ASP C 126 16.05 10.18 -12.51
C ASP C 126 14.86 10.56 -13.34
N LEU C 127 14.01 11.44 -12.82
CA LEU C 127 12.82 11.85 -13.55
C LEU C 127 13.09 12.86 -14.66
N GLU C 128 14.18 13.61 -14.56
CA GLU C 128 14.43 14.78 -15.41
C GLU C 128 14.60 14.43 -16.88
N ASP C 129 13.70 14.96 -17.71
CA ASP C 129 13.78 14.86 -19.19
C ASP C 129 13.68 13.44 -19.74
N ARG C 130 12.74 12.67 -19.21
CA ARG C 130 12.59 11.26 -19.55
C ARG C 130 11.14 10.92 -19.85
N ILE C 131 10.95 10.04 -20.83
CA ILE C 131 9.64 9.52 -21.16
C ILE C 131 9.54 8.18 -20.43
N PHE C 132 8.40 7.94 -19.76
CA PHE C 132 8.23 6.70 -19.00
C PHE C 132 7.19 5.80 -19.66
N ILE C 133 7.57 4.53 -19.83
CA ILE C 133 6.75 3.53 -20.50
C ILE C 133 6.41 2.38 -19.58
N LEU C 134 5.16 2.35 -19.12
CA LEU C 134 4.69 1.34 -18.16
C LEU C 134 4.09 0.09 -18.82
N CYS C 135 4.14 -1.01 -18.07
CA CYS C 135 3.81 -2.34 -18.58
C CYS C 135 3.01 -3.15 -17.63
N ASP C 136 1.96 -3.74 -18.15
CA ASP C 136 1.11 -4.66 -17.42
C ASP C 136 0.25 -5.30 -18.51
N PRO C 137 0.23 -6.63 -18.61
CA PRO C 137 -0.50 -7.31 -19.69
C PRO C 137 -1.98 -6.98 -19.77
N MET C 138 -2.58 -6.58 -18.65
CA MET C 138 -4.02 -6.63 -18.49
C MET C 138 -4.63 -5.36 -17.88
N VAL C 139 -5.51 -4.68 -18.63
CA VAL C 139 -6.24 -3.55 -18.07
C VAL C 139 -7.71 -3.92 -17.88
N ALA C 140 -8.01 -4.65 -16.81
CA ALA C 140 -9.36 -5.12 -16.49
C ALA C 140 -10.24 -4.02 -15.88
N THR C 141 -10.05 -3.73 -14.59
CA THR C 141 -10.84 -2.68 -13.93
C THR C 141 -10.27 -1.31 -14.25
N GLY C 142 -8.98 -1.24 -14.51
CA GLY C 142 -8.35 0.06 -14.78
C GLY C 142 -7.72 0.72 -13.56
N TYR C 143 -8.06 0.21 -12.37
CA TYR C 143 -7.60 0.79 -11.12
C TYR C 143 -6.09 0.65 -10.91
N SER C 144 -5.55 -0.54 -11.19
CA SER C 144 -4.11 -0.79 -11.15
C SER C 144 -3.34 0.16 -12.04
N ALA C 145 -3.81 0.33 -13.27
CA ALA C 145 -3.09 1.13 -14.24
C ALA C 145 -3.09 2.60 -13.85
N ALA C 146 -4.22 3.07 -13.32
CA ALA C 146 -4.35 4.44 -12.88
C ALA C 146 -3.39 4.69 -11.70
N HIS C 147 -3.38 3.77 -10.73
CA HIS C 147 -2.46 3.89 -9.59
C HIS C 147 -0.99 3.90 -9.98
N ALA C 148 -0.62 3.04 -10.93
CA ALA C 148 0.75 2.98 -11.43
C ALA C 148 1.12 4.28 -12.08
N ILE C 149 0.18 4.87 -12.83
CA ILE C 149 0.41 6.20 -13.42
C ILE C 149 0.42 7.32 -12.36
N ASP C 150 -0.43 7.21 -11.34
CA ASP C 150 -0.39 8.06 -10.16
C ASP C 150 1.02 8.23 -9.61
N VAL C 151 1.75 7.11 -9.55
CA VAL C 151 3.09 7.08 -8.98
C VAL C 151 3.98 8.14 -9.63
N LEU C 152 3.90 8.27 -10.95
CA LEU C 152 4.74 9.23 -11.67
C LEU C 152 4.13 10.64 -11.73
N LYS C 153 2.81 10.71 -11.76
CA LYS C 153 2.15 11.99 -11.64
C LYS C 153 2.42 12.63 -10.26
N ARG C 154 2.36 11.83 -9.20
CA ARG C 154 2.77 12.26 -7.83
C ARG C 154 4.12 12.96 -7.78
N ARG C 155 5.05 12.55 -8.64
CA ARG C 155 6.39 13.11 -8.65
C ARG C 155 6.61 14.20 -9.72
N GLY C 156 5.53 14.81 -10.18
CA GLY C 156 5.59 15.88 -11.17
C GLY C 156 5.93 15.52 -12.62
N VAL C 157 5.64 14.29 -13.04
CA VAL C 157 5.79 13.96 -14.46
C VAL C 157 4.42 14.11 -15.14
N PRO C 158 4.33 14.97 -16.17
CA PRO C 158 3.07 15.20 -16.84
C PRO C 158 2.72 14.07 -17.82
N GLY C 159 1.42 13.90 -18.08
CA GLY C 159 0.93 12.83 -18.95
C GLY C 159 1.61 12.71 -20.29
N GLU C 160 1.97 13.87 -20.86
CA GLU C 160 2.68 13.97 -22.14
C GLU C 160 3.90 13.08 -22.21
N ARG C 161 4.59 12.92 -21.09
CA ARG C 161 5.83 12.15 -21.03
C ARG C 161 5.59 10.73 -20.48
N LEU C 162 4.33 10.32 -20.49
CA LEU C 162 3.92 9.04 -19.91
C LEU C 162 3.14 8.16 -20.89
N MET C 163 3.45 6.88 -20.88
CA MET C 163 2.74 5.91 -21.69
C MET C 163 2.49 4.60 -20.95
N PHE C 164 1.35 3.98 -21.25
CA PHE C 164 1.02 2.70 -20.71
C PHE C 164 0.84 1.69 -21.85
N LEU C 165 1.45 0.53 -21.67
CA LEU C 165 1.41 -0.56 -22.63
C LEU C 165 0.75 -1.76 -22.00
N ALA C 166 -0.22 -2.31 -22.72
CA ALA C 166 -0.96 -3.49 -22.27
C ALA C 166 -1.25 -4.40 -23.47
N LEU C 167 -1.54 -5.68 -23.21
CA LEU C 167 -1.98 -6.57 -24.29
C LEU C 167 -3.46 -6.39 -24.56
N VAL C 168 -4.25 -6.57 -23.52
CA VAL C 168 -5.68 -6.66 -23.64
C VAL C 168 -6.27 -5.73 -22.61
N ALA C 169 -7.32 -5.01 -22.98
CA ALA C 169 -8.02 -4.12 -22.07
C ALA C 169 -9.52 -4.28 -22.20
N ALA C 170 -10.23 -4.18 -21.09
CA ALA C 170 -11.69 -4.11 -21.13
C ALA C 170 -12.12 -2.65 -21.34
N PRO C 171 -13.25 -2.42 -22.04
CA PRO C 171 -13.76 -1.06 -22.15
C PRO C 171 -14.03 -0.39 -20.79
N GLU C 172 -14.37 -1.16 -19.75
CA GLU C 172 -14.62 -0.50 -18.45
C GLU C 172 -13.32 -0.05 -17.75
N GLY C 173 -12.23 -0.75 -18.03
CA GLY C 173 -10.92 -0.37 -17.49
C GLY C 173 -10.33 0.83 -18.20
N VAL C 174 -10.53 0.91 -19.52
CA VAL C 174 -10.06 2.05 -20.27
C VAL C 174 -10.81 3.30 -19.81
N GLN C 175 -12.08 3.12 -19.46
CA GLN C 175 -12.94 4.20 -18.98
C GLN C 175 -12.41 4.77 -17.67
N VAL C 176 -12.04 3.89 -16.75
CA VAL C 176 -11.44 4.30 -15.49
C VAL C 176 -10.13 5.03 -15.76
N PHE C 177 -9.25 4.40 -16.55
CA PHE C 177 -7.91 4.93 -16.84
C PHE C 177 -7.97 6.32 -17.46
N GLN C 178 -8.81 6.45 -18.49
CA GLN C 178 -8.97 7.71 -19.23
C GLN C 178 -9.60 8.78 -18.37
N ASP C 179 -10.57 8.39 -17.54
CA ASP C 179 -11.20 9.30 -16.58
C ASP C 179 -10.18 9.85 -15.58
N ALA C 180 -9.24 9.00 -15.16
CA ALA C 180 -8.14 9.38 -14.28
C ALA C 180 -7.04 10.18 -14.98
N HIS C 181 -6.63 9.72 -16.16
CA HIS C 181 -5.46 10.25 -16.87
C HIS C 181 -5.75 10.48 -18.36
N PRO C 182 -6.45 11.59 -18.69
CA PRO C 182 -6.96 11.72 -20.06
C PRO C 182 -5.87 11.98 -21.10
N ASP C 183 -4.71 12.46 -20.65
CA ASP C 183 -3.64 12.80 -21.57
C ASP C 183 -2.58 11.72 -21.71
N VAL C 184 -2.74 10.62 -20.98
CA VAL C 184 -1.80 9.52 -21.06
C VAL C 184 -2.20 8.51 -22.15
N LYS C 185 -1.29 8.28 -23.10
CA LYS C 185 -1.50 7.29 -24.15
C LYS C 185 -1.53 5.87 -23.60
N LEU C 186 -2.55 5.11 -23.99
CA LEU C 186 -2.66 3.70 -23.67
C LEU C 186 -2.58 2.88 -24.96
N TYR C 187 -1.57 2.01 -25.02
CA TYR C 187 -1.35 1.13 -26.17
C TYR C 187 -1.77 -0.30 -25.89
N VAL C 188 -2.46 -0.88 -26.86
CA VAL C 188 -3.15 -2.13 -26.64
C VAL C 188 -3.09 -3.05 -27.89
N ALA C 189 -2.96 -4.35 -27.68
CA ALA C 189 -3.03 -5.29 -28.78
C ALA C 189 -4.51 -5.52 -29.16
N SER C 190 -5.38 -5.53 -28.14
CA SER C 190 -6.84 -5.67 -28.38
C SER C 190 -7.69 -5.01 -27.28
N LEU C 191 -8.73 -4.31 -27.71
CA LEU C 191 -9.79 -3.94 -26.82
C LEU C 191 -10.81 -5.07 -26.92
N ASP C 192 -10.88 -5.88 -25.86
CA ASP C 192 -11.83 -6.99 -25.79
C ASP C 192 -13.21 -6.40 -25.45
N SER C 193 -14.20 -7.22 -25.09
CA SER C 193 -15.57 -6.71 -25.01
C SER C 193 -16.09 -6.29 -23.62
N HIS C 194 -15.79 -7.04 -22.57
CA HIS C 194 -16.37 -6.75 -21.25
C HIS C 194 -15.69 -7.49 -20.08
N LEU C 195 -15.99 -7.09 -18.85
CA LEU C 195 -15.58 -7.86 -17.68
C LEU C 195 -16.68 -8.83 -17.37
N ASP C 196 -16.30 -9.99 -16.82
CA ASP C 196 -17.29 -10.94 -16.34
C ASP C 196 -17.54 -10.66 -14.86
N ASP C 197 -18.27 -11.56 -14.20
CA ASP C 197 -18.64 -11.39 -12.81
C ASP C 197 -17.42 -11.41 -11.89
N HIS C 198 -16.40 -12.14 -12.30
CA HIS C 198 -15.18 -12.29 -11.49
C HIS C 198 -14.08 -11.29 -11.87
N ALA C 199 -14.45 -10.32 -12.69
CA ALA C 199 -13.57 -9.22 -13.13
C ALA C 199 -12.50 -9.60 -14.16
N TYR C 200 -12.55 -10.82 -14.68
CA TYR C 200 -11.70 -11.22 -15.80
C TYR C 200 -12.18 -10.61 -17.12
N ILE C 201 -11.22 -10.23 -17.97
CA ILE C 201 -11.50 -9.76 -19.32
C ILE C 201 -12.03 -10.88 -20.24
N VAL C 202 -13.12 -10.59 -20.96
CA VAL C 202 -13.73 -11.53 -21.91
C VAL C 202 -13.62 -10.97 -23.34
N PRO C 203 -13.10 -11.77 -24.29
CA PRO C 203 -12.56 -13.13 -24.20
C PRO C 203 -11.24 -13.25 -23.43
N GLY C 204 -10.41 -12.20 -23.47
CA GLY C 204 -9.16 -12.16 -22.70
C GLY C 204 -8.16 -13.29 -22.89
N LEU C 205 -7.43 -13.59 -21.81
CA LEU C 205 -6.34 -14.56 -21.84
C LEU C 205 -6.46 -15.50 -20.65
N GLY C 206 -7.39 -15.20 -19.76
CA GLY C 206 -7.52 -15.92 -18.51
C GLY C 206 -6.73 -15.17 -17.47
N ASP C 207 -6.33 -15.89 -16.43
CA ASP C 207 -5.56 -15.31 -15.34
C ASP C 207 -4.08 -15.20 -15.76
N ALA C 208 -3.61 -13.98 -15.99
CA ALA C 208 -2.23 -13.76 -16.44
C ALA C 208 -1.22 -14.39 -15.48
N GLY C 209 -1.41 -14.13 -14.18
CA GLY C 209 -0.60 -14.69 -13.11
C GLY C 209 -0.52 -16.20 -13.16
N ASP C 210 -1.67 -16.87 -13.23
CA ASP C 210 -1.70 -18.33 -13.31
C ASP C 210 -1.03 -18.85 -14.57
N ARG C 211 -1.22 -18.16 -15.67
CA ARG C 211 -0.66 -18.60 -16.94
C ARG C 211 0.82 -18.39 -17.03
N LEU C 212 1.31 -17.29 -16.48
CA LEU C 212 2.73 -17.02 -16.42
C LEU C 212 3.47 -17.83 -15.34
N PHE C 213 2.78 -18.15 -14.24
CA PHE C 213 3.46 -18.72 -13.03
C PHE C 213 2.99 -20.11 -12.56
N GLY C 214 1.83 -20.58 -13.05
CA GLY C 214 1.35 -21.92 -12.73
C GLY C 214 0.00 -21.89 -12.04
N SER D 1 32.37 -28.79 -12.43
CA SER D 1 31.99 -29.42 -11.13
C SER D 1 31.99 -28.42 -9.96
N MET D 2 32.19 -28.91 -8.73
CA MET D 2 31.96 -28.10 -7.52
C MET D 2 33.13 -28.05 -6.56
N LYS D 3 33.35 -26.86 -6.00
CA LYS D 3 34.33 -26.62 -4.96
C LYS D 3 33.66 -26.35 -3.62
N GLN D 4 34.41 -26.50 -2.53
CA GLN D 4 33.89 -26.14 -1.21
C GLN D 4 34.91 -25.38 -0.36
N ASP D 5 34.41 -24.63 0.62
CA ASP D 5 35.22 -23.91 1.59
C ASP D 5 35.09 -24.62 2.94
N SER D 6 36.23 -24.87 3.58
CA SER D 6 36.27 -25.53 4.89
C SER D 6 35.35 -24.90 5.95
N ARG D 7 35.02 -23.62 5.79
CA ARG D 7 34.20 -22.94 6.79
C ARG D 7 32.73 -23.28 6.65
N PHE D 8 32.29 -23.63 5.44
CA PHE D 8 30.87 -23.58 5.08
C PHE D 8 30.37 -24.89 4.47
N PRO D 9 29.91 -25.84 5.32
CA PRO D 9 29.61 -27.19 4.84
C PRO D 9 28.45 -27.29 3.84
N ASN D 10 27.69 -26.20 3.65
CA ASN D 10 26.58 -26.19 2.69
C ASN D 10 26.63 -25.11 1.60
N LEU D 11 27.81 -24.52 1.43
CA LEU D 11 28.11 -23.67 0.29
C LEU D 11 28.82 -24.50 -0.78
N PHE D 12 28.40 -24.31 -2.04
CA PHE D 12 29.01 -25.00 -3.18
C PHE D 12 29.37 -23.98 -4.24
N ILE D 13 30.62 -24.03 -4.67
CA ILE D 13 31.18 -23.09 -5.64
C ILE D 13 31.21 -23.81 -6.99
N LEU D 14 30.44 -23.27 -7.94
CA LEU D 14 30.30 -23.87 -9.26
C LEU D 14 31.32 -23.20 -10.16
N ASP D 15 32.38 -23.92 -10.48
CA ASP D 15 33.56 -23.30 -11.08
C ASP D 15 33.97 -23.93 -12.43
N HIS D 16 32.96 -24.34 -13.19
CA HIS D 16 33.15 -24.66 -14.58
C HIS D 16 33.88 -23.48 -15.23
N PRO D 17 34.88 -23.77 -16.11
CA PRO D 17 35.59 -22.69 -16.79
C PRO D 17 34.66 -21.65 -17.44
N LEU D 18 33.54 -22.09 -18.02
CA LEU D 18 32.66 -21.13 -18.71
C LEU D 18 31.81 -20.28 -17.77
N ILE D 19 31.39 -20.83 -16.64
CA ILE D 19 30.75 -20.04 -15.59
C ILE D 19 31.73 -18.96 -15.12
N GLN D 20 32.97 -19.37 -14.81
CA GLN D 20 34.00 -18.43 -14.38
C GLN D 20 34.20 -17.30 -15.40
N HIS D 21 34.30 -17.69 -16.67
CA HIS D 21 34.58 -16.78 -17.78
C HIS D 21 33.47 -15.74 -17.93
N LYS D 22 32.21 -16.21 -17.98
CA LYS D 22 31.04 -15.35 -18.09
C LYS D 22 30.89 -14.39 -16.90
N LEU D 23 31.32 -14.86 -15.74
CA LEU D 23 31.36 -14.06 -14.53
C LEU D 23 32.35 -12.91 -14.67
N THR D 24 33.56 -13.19 -15.18
CA THR D 24 34.58 -12.14 -15.37
C THR D 24 33.99 -10.98 -16.19
N HIS D 25 33.38 -11.32 -17.32
CA HIS D 25 32.73 -10.32 -18.18
C HIS D 25 31.66 -9.51 -17.44
N MET D 26 30.95 -10.14 -16.50
CA MET D 26 30.01 -9.42 -15.64
C MET D 26 30.74 -8.47 -14.69
N ARG D 27 31.81 -8.95 -14.06
CA ARG D 27 32.58 -8.14 -13.12
C ARG D 27 33.06 -6.86 -13.81
N ASP D 28 33.41 -6.99 -15.08
CA ASP D 28 33.95 -5.90 -15.90
C ASP D 28 33.01 -4.69 -15.92
N LYS D 29 33.43 -3.60 -15.28
CA LYS D 29 32.63 -2.37 -15.20
C LYS D 29 32.31 -1.81 -16.59
N ASP D 30 33.13 -2.16 -17.59
CA ASP D 30 32.94 -1.71 -18.96
C ASP D 30 31.81 -2.41 -19.70
N THR D 31 31.37 -3.56 -19.20
CA THR D 31 30.37 -4.35 -19.86
C THR D 31 29.03 -3.63 -19.99
N SER D 32 28.60 -3.48 -21.26
CA SER D 32 27.27 -2.97 -21.68
C SER D 32 26.17 -3.38 -20.72
N THR D 33 25.29 -2.43 -20.41
CA THR D 33 24.17 -2.70 -19.50
C THR D 33 23.22 -3.78 -20.07
N ARG D 34 23.36 -4.04 -21.37
CA ARG D 34 22.64 -5.08 -22.10
C ARG D 34 23.23 -6.44 -21.78
N THR D 35 24.51 -6.59 -22.13
CA THR D 35 25.29 -7.81 -21.96
C THR D 35 25.23 -8.33 -20.53
N PHE D 36 25.24 -7.41 -19.56
CA PHE D 36 25.13 -7.76 -18.14
C PHE D 36 23.87 -8.61 -17.84
N ARG D 37 22.74 -8.21 -18.44
CA ARG D 37 21.47 -8.94 -18.31
C ARG D 37 21.51 -10.34 -18.93
N GLU D 38 22.01 -10.42 -20.17
CA GLU D 38 22.22 -11.70 -20.83
C GLU D 38 23.07 -12.63 -19.97
N LEU D 39 24.22 -12.13 -19.53
CA LEU D 39 25.16 -12.92 -18.73
C LEU D 39 24.57 -13.44 -17.41
N LEU D 40 23.74 -12.63 -16.76
CA LEU D 40 23.01 -13.02 -15.55
C LEU D 40 22.13 -14.25 -15.81
N ARG D 41 21.28 -14.14 -16.83
CA ARG D 41 20.38 -15.20 -17.29
C ARG D 41 21.14 -16.46 -17.75
N GLU D 42 22.26 -16.26 -18.45
CA GLU D 42 23.06 -17.36 -19.00
C GLU D 42 23.80 -18.16 -17.93
N ILE D 43 24.50 -17.45 -17.04
CA ILE D 43 25.19 -18.10 -15.94
C ILE D 43 24.21 -18.91 -15.10
N THR D 44 23.04 -18.35 -14.81
CA THR D 44 22.19 -19.11 -13.91
C THR D 44 21.60 -20.35 -14.60
N LEU D 45 21.43 -20.31 -15.91
CA LEU D 45 21.04 -21.49 -16.70
C LEU D 45 22.07 -22.58 -16.45
N LEU D 46 23.33 -22.19 -16.52
CA LEU D 46 24.44 -23.12 -16.34
C LEU D 46 24.54 -23.63 -14.92
N MET D 47 24.36 -22.73 -13.95
CA MET D 47 24.30 -23.18 -12.57
C MET D 47 23.11 -24.13 -12.36
N GLY D 48 21.96 -23.79 -12.92
CA GLY D 48 20.79 -24.67 -12.83
C GLY D 48 21.10 -26.07 -13.33
N TYR D 49 21.82 -26.14 -14.45
CA TYR D 49 22.22 -27.41 -15.04
C TYR D 49 23.10 -28.26 -14.11
N GLU D 50 24.14 -27.65 -13.52
CA GLU D 50 24.99 -28.31 -12.53
C GLU D 50 24.20 -28.84 -11.34
N ILE D 51 23.28 -28.02 -10.86
CA ILE D 51 22.49 -28.37 -9.71
C ILE D 51 21.61 -29.58 -10.00
N THR D 52 21.11 -29.70 -11.23
CA THR D 52 20.04 -30.68 -11.52
C THR D 52 20.50 -32.04 -12.04
N ARG D 53 21.78 -32.36 -11.87
CA ARG D 53 22.33 -33.65 -12.28
C ARG D 53 21.59 -34.89 -11.81
N ASN D 54 20.88 -34.77 -10.68
CA ASN D 54 20.33 -35.94 -10.02
C ASN D 54 18.82 -35.91 -9.99
N LEU D 55 18.22 -35.07 -10.82
CA LEU D 55 16.77 -35.08 -10.96
C LEU D 55 16.31 -36.48 -11.37
N PRO D 56 15.34 -37.05 -10.62
CA PRO D 56 14.78 -38.36 -10.96
C PRO D 56 14.21 -38.33 -12.35
N ILE D 57 14.26 -39.47 -13.02
CA ILE D 57 13.64 -39.63 -14.33
C ILE D 57 12.49 -40.65 -14.24
N THR D 58 11.36 -40.33 -14.84
CA THR D 58 10.36 -41.35 -15.13
C THR D 58 10.23 -41.39 -16.65
N THR D 59 9.42 -42.31 -17.16
CA THR D 59 9.14 -42.32 -18.59
C THR D 59 7.69 -41.92 -18.85
N LYS D 60 7.40 -41.61 -20.11
CA LYS D 60 6.03 -41.45 -20.57
C LYS D 60 6.02 -41.86 -22.04
N ARG D 61 4.85 -42.26 -22.53
CA ARG D 61 4.76 -42.75 -23.89
C ARG D 61 4.67 -41.61 -24.89
N VAL D 62 5.54 -41.68 -25.89
CA VAL D 62 5.64 -40.67 -26.92
C VAL D 62 5.79 -41.33 -28.28
N GLU D 63 5.15 -40.75 -29.29
CA GLU D 63 5.34 -41.22 -30.65
C GLU D 63 6.37 -40.39 -31.37
N THR D 64 7.44 -41.04 -31.82
CA THR D 64 8.32 -40.41 -32.80
C THR D 64 7.66 -40.57 -34.18
N PRO D 65 8.16 -39.87 -35.22
CA PRO D 65 7.73 -40.19 -36.57
C PRO D 65 7.98 -41.65 -36.95
N LEU D 66 8.76 -42.39 -36.18
CA LEU D 66 9.01 -43.80 -36.50
C LEU D 66 8.19 -44.78 -35.65
N VAL D 67 8.27 -44.62 -34.33
CA VAL D 67 7.68 -45.58 -33.40
C VAL D 67 7.14 -44.92 -32.16
N GLU D 68 6.21 -45.61 -31.50
CA GLU D 68 5.76 -45.26 -30.14
C GLU D 68 6.77 -45.88 -29.17
N ILE D 69 7.19 -45.11 -28.16
CA ILE D 69 8.22 -45.57 -27.22
C ILE D 69 8.06 -45.02 -25.78
N ASP D 70 8.90 -45.52 -24.86
CA ASP D 70 8.90 -45.06 -23.46
C ASP D 70 10.04 -44.11 -23.19
N ALA D 71 9.79 -42.83 -23.42
CA ALA D 71 10.83 -41.82 -23.44
C ALA D 71 10.97 -41.09 -22.09
N PRO D 72 12.22 -40.83 -21.68
CA PRO D 72 12.54 -40.21 -20.38
C PRO D 72 12.06 -38.77 -20.22
N VAL D 73 11.41 -38.48 -19.10
CA VAL D 73 11.05 -37.11 -18.76
C VAL D 73 11.32 -36.82 -17.29
N ILE D 74 11.14 -35.56 -16.94
CA ILE D 74 11.43 -35.02 -15.63
C ILE D 74 10.11 -34.52 -15.05
N ALA D 75 9.97 -34.58 -13.72
CA ALA D 75 8.81 -33.96 -13.05
C ALA D 75 9.11 -32.47 -12.75
N GLY D 76 9.02 -31.64 -13.78
CA GLY D 76 9.28 -30.21 -13.68
C GLY D 76 8.33 -29.47 -12.75
N LYS D 77 7.05 -29.86 -12.78
CA LYS D 77 6.00 -29.26 -11.93
C LYS D 77 6.23 -29.47 -10.42
N LYS D 78 7.19 -30.33 -10.08
CA LYS D 78 7.61 -30.58 -8.71
C LYS D 78 8.48 -29.43 -8.13
N LEU D 79 8.86 -28.48 -8.99
CA LEU D 79 9.79 -27.43 -8.59
C LEU D 79 9.19 -26.03 -8.65
N ALA D 80 9.61 -25.19 -7.72
CA ALA D 80 9.32 -23.77 -7.76
C ALA D 80 10.59 -22.92 -7.81
N ILE D 81 10.64 -22.01 -8.77
CA ILE D 81 11.66 -20.98 -8.82
C ILE D 81 11.11 -19.74 -8.12
N VAL D 82 11.87 -19.18 -7.19
CA VAL D 82 11.42 -17.99 -6.50
C VAL D 82 12.49 -16.89 -6.55
N PRO D 83 12.46 -16.05 -7.60
CA PRO D 83 13.39 -14.94 -7.58
C PRO D 83 13.09 -14.03 -6.41
N VAL D 84 14.14 -13.48 -5.82
CA VAL D 84 14.04 -12.41 -4.84
C VAL D 84 14.07 -11.10 -5.60
N LEU D 85 12.98 -10.35 -5.49
CA LEU D 85 12.83 -9.11 -6.21
C LEU D 85 13.71 -8.00 -5.61
N ARG D 86 14.23 -7.09 -6.44
CA ARG D 86 14.01 -7.04 -7.88
C ARG D 86 15.06 -7.82 -8.70
N ALA D 87 16.32 -7.78 -8.28
CA ALA D 87 17.46 -8.27 -9.08
C ALA D 87 17.44 -9.75 -9.51
N GLY D 88 16.74 -10.59 -8.75
CA GLY D 88 16.68 -12.03 -9.02
C GLY D 88 15.81 -12.45 -10.20
N VAL D 89 15.06 -11.49 -10.74
CA VAL D 89 14.18 -11.74 -11.89
C VAL D 89 14.94 -12.27 -13.12
N GLY D 90 16.07 -11.64 -13.46
CA GLY D 90 16.93 -12.16 -14.53
C GLY D 90 17.37 -13.61 -14.32
N MET D 91 17.67 -13.98 -13.07
CA MET D 91 18.14 -15.32 -12.76
C MET D 91 17.08 -16.38 -13.03
N SER D 92 15.85 -16.08 -12.64
CA SER D 92 14.76 -17.05 -12.77
C SER D 92 14.38 -17.25 -14.22
N ASP D 93 14.61 -16.24 -15.06
CA ASP D 93 14.41 -16.37 -16.52
C ASP D 93 15.25 -17.49 -17.07
N GLY D 94 16.49 -17.56 -16.59
CA GLY D 94 17.46 -18.58 -16.97
C GLY D 94 17.02 -19.96 -16.54
N LEU D 95 16.62 -20.11 -15.28
CA LEU D 95 16.12 -21.38 -14.76
C LEU D 95 14.84 -21.82 -15.46
N LEU D 96 13.97 -20.86 -15.77
CA LEU D 96 12.69 -21.13 -16.41
C LEU D 96 12.90 -21.56 -17.84
N GLU D 97 14.01 -21.07 -18.41
CA GLU D 97 14.46 -21.47 -19.72
C GLU D 97 14.86 -22.93 -19.62
N LEU D 98 15.66 -23.23 -18.62
CA LEU D 98 16.14 -24.60 -18.43
C LEU D 98 14.99 -25.57 -18.10
N ILE D 99 14.03 -25.12 -17.30
CA ILE D 99 12.92 -25.94 -16.84
C ILE D 99 11.61 -25.17 -17.00
N PRO D 100 11.09 -25.13 -18.24
CA PRO D 100 9.90 -24.31 -18.50
C PRO D 100 8.68 -24.66 -17.64
N SER D 101 8.55 -25.93 -17.22
CA SER D 101 7.37 -26.42 -16.45
C SER D 101 7.23 -25.90 -15.03
N ALA D 102 8.31 -25.38 -14.45
CA ALA D 102 8.34 -25.12 -13.01
C ALA D 102 7.40 -24.00 -12.62
N ARG D 103 6.88 -24.10 -11.41
CA ARG D 103 6.05 -23.08 -10.80
C ARG D 103 6.92 -21.88 -10.46
N VAL D 104 6.34 -20.68 -10.45
CA VAL D 104 7.08 -19.47 -10.06
C VAL D 104 6.46 -18.79 -8.84
N GLY D 105 7.31 -18.33 -7.92
CA GLY D 105 6.89 -17.49 -6.82
C GLY D 105 7.80 -16.28 -6.76
N HIS D 106 7.46 -15.30 -5.92
CA HIS D 106 8.25 -14.09 -5.79
C HIS D 106 8.33 -13.68 -4.34
N ILE D 107 9.53 -13.40 -3.84
CA ILE D 107 9.68 -12.78 -2.53
C ILE D 107 10.39 -11.44 -2.70
N GLY D 108 9.69 -10.37 -2.33
CA GLY D 108 10.25 -9.03 -2.33
C GLY D 108 10.97 -8.67 -1.02
N VAL D 109 12.28 -8.44 -1.14
CA VAL D 109 13.11 -7.94 -0.05
C VAL D 109 14.12 -6.90 -0.57
N TYR D 110 14.11 -5.71 0.02
CA TYR D 110 15.17 -4.76 -0.22
C TYR D 110 15.87 -4.44 1.10
N ARG D 111 17.07 -3.84 0.99
CA ARG D 111 17.89 -3.45 2.14
C ARG D 111 17.82 -1.95 2.47
N ALA D 112 17.46 -1.66 3.72
CA ALA D 112 17.40 -0.30 4.24
C ALA D 112 18.80 0.24 4.48
N ASP D 113 18.88 1.53 4.82
CA ASP D 113 20.16 2.18 5.09
C ASP D 113 21.05 1.37 6.05
N ASP D 114 20.45 0.89 7.14
CA ASP D 114 21.19 0.19 8.19
C ASP D 114 21.44 -1.29 7.88
N HIS D 115 21.22 -1.67 6.61
CA HIS D 115 21.39 -3.06 6.12
C HIS D 115 20.35 -4.08 6.60
N ARG D 116 19.30 -3.66 7.29
CA ARG D 116 18.24 -4.63 7.68
C ARG D 116 17.37 -5.01 6.45
N PRO D 117 16.93 -6.28 6.37
CA PRO D 117 16.06 -6.70 5.26
C PRO D 117 14.67 -6.09 5.40
N VAL D 118 14.06 -5.73 4.29
CA VAL D 118 12.70 -5.23 4.32
C VAL D 118 11.82 -6.05 3.38
N GLU D 119 10.80 -6.68 3.96
CA GLU D 119 9.86 -7.51 3.20
C GLU D 119 8.70 -6.68 2.67
N TYR D 120 8.42 -6.78 1.39
CA TYR D 120 7.29 -6.07 0.78
C TYR D 120 6.36 -6.95 -0.03
N LEU D 121 6.81 -8.13 -0.42
CA LEU D 121 5.96 -9.11 -1.11
C LEU D 121 6.34 -10.57 -0.80
N VAL D 122 5.32 -11.41 -0.71
CA VAL D 122 5.47 -12.84 -0.58
C VAL D 122 4.30 -13.47 -1.34
N ARG D 123 4.57 -14.00 -2.52
CA ARG D 123 3.55 -14.58 -3.37
C ARG D 123 4.06 -15.96 -3.83
N LEU D 124 3.59 -17.02 -3.19
CA LEU D 124 4.15 -18.34 -3.42
C LEU D 124 3.15 -19.33 -3.99
N PRO D 125 3.60 -20.24 -4.87
CA PRO D 125 2.75 -21.35 -5.28
C PRO D 125 2.45 -22.28 -4.13
N ASP D 126 1.61 -23.28 -4.37
CA ASP D 126 1.27 -24.28 -3.37
C ASP D 126 2.53 -24.96 -2.86
N LEU D 127 2.73 -24.97 -1.55
CA LEU D 127 3.93 -25.56 -0.97
C LEU D 127 3.68 -26.95 -0.41
N GLU D 128 3.72 -27.94 -1.28
CA GLU D 128 3.39 -29.31 -0.87
C GLU D 128 4.15 -30.30 -1.73
N ASP D 129 5.05 -31.06 -1.12
CA ASP D 129 5.84 -32.03 -1.87
C ASP D 129 6.54 -31.29 -3.02
N ARG D 130 7.24 -30.22 -2.64
CA ARG D 130 7.73 -29.25 -3.59
C ARG D 130 9.07 -28.69 -3.12
N ILE D 131 10.02 -28.66 -4.05
CA ILE D 131 11.32 -28.07 -3.79
C ILE D 131 11.31 -26.62 -4.26
N PHE D 132 11.97 -25.76 -3.51
CA PHE D 132 12.00 -24.33 -3.79
C PHE D 132 13.41 -23.85 -4.02
N ILE D 133 13.60 -23.10 -5.11
CA ILE D 133 14.91 -22.58 -5.45
C ILE D 133 14.84 -21.06 -5.55
N LEU D 134 15.46 -20.38 -4.59
CA LEU D 134 15.47 -18.93 -4.53
C LEU D 134 16.66 -18.33 -5.25
N CYS D 135 16.44 -17.18 -5.89
CA CYS D 135 17.44 -16.50 -6.69
C CYS D 135 17.65 -15.09 -6.26
N ASP D 136 18.91 -14.76 -6.00
CA ASP D 136 19.32 -13.38 -5.76
C ASP D 136 20.76 -13.33 -6.23
N PRO D 137 21.11 -12.38 -7.11
CA PRO D 137 22.47 -12.39 -7.66
C PRO D 137 23.58 -12.26 -6.61
N MET D 138 23.25 -11.70 -5.45
CA MET D 138 24.22 -11.16 -4.52
C MET D 138 23.94 -11.54 -3.06
N VAL D 139 24.88 -12.23 -2.42
CA VAL D 139 24.80 -12.51 -0.98
C VAL D 139 25.95 -11.78 -0.27
N ALA D 140 25.69 -10.53 0.12
CA ALA D 140 26.71 -9.67 0.73
C ALA D 140 26.76 -9.76 2.26
N THR D 141 25.82 -9.10 2.95
CA THR D 141 25.71 -9.24 4.40
C THR D 141 25.07 -10.56 4.76
N GLY D 142 24.20 -11.06 3.87
CA GLY D 142 23.50 -12.32 4.10
C GLY D 142 22.11 -12.17 4.68
N TYR D 143 21.68 -10.93 4.96
CA TYR D 143 20.37 -10.72 5.59
C TYR D 143 19.22 -10.88 4.63
N SER D 144 19.34 -10.32 3.44
CA SER D 144 18.30 -10.46 2.43
C SER D 144 18.09 -11.92 2.15
N ALA D 145 19.17 -12.67 2.01
CA ALA D 145 19.07 -14.09 1.71
C ALA D 145 18.49 -14.90 2.87
N ALA D 146 18.92 -14.58 4.09
CA ALA D 146 18.44 -15.30 5.27
C ALA D 146 16.94 -15.07 5.51
N HIS D 147 16.51 -13.83 5.33
CA HIS D 147 15.11 -13.53 5.52
C HIS D 147 14.23 -14.20 4.46
N ALA D 148 14.63 -14.11 3.20
CA ALA D 148 13.86 -14.69 2.10
C ALA D 148 13.65 -16.20 2.30
N ILE D 149 14.67 -16.91 2.75
CA ILE D 149 14.54 -18.34 3.06
C ILE D 149 13.70 -18.56 4.30
N ASP D 150 13.83 -17.64 5.25
CA ASP D 150 13.03 -17.65 6.47
C ASP D 150 11.54 -17.44 6.19
N VAL D 151 11.21 -16.82 5.06
CA VAL D 151 9.82 -16.69 4.63
C VAL D 151 9.20 -18.07 4.45
N LEU D 152 9.94 -18.98 3.85
CA LEU D 152 9.41 -20.30 3.59
C LEU D 152 9.45 -21.19 4.81
N LYS D 153 10.49 -21.03 5.63
CA LYS D 153 10.60 -21.79 6.87
C LYS D 153 9.41 -21.50 7.80
N ARG D 154 9.12 -20.21 8.01
CA ARG D 154 7.92 -19.78 8.74
C ARG D 154 6.63 -20.41 8.18
N ARG D 155 6.60 -20.70 6.88
CA ARG D 155 5.46 -21.35 6.26
C ARG D 155 5.44 -22.88 6.43
N GLY D 156 6.46 -23.42 7.08
CA GLY D 156 6.50 -24.85 7.40
C GLY D 156 7.26 -25.75 6.45
N VAL D 157 7.87 -25.17 5.41
CA VAL D 157 8.67 -25.98 4.48
C VAL D 157 10.11 -26.08 5.01
N PRO D 158 10.60 -27.34 5.17
CA PRO D 158 11.88 -27.57 5.85
C PRO D 158 13.11 -27.31 4.98
N GLY D 159 14.22 -27.02 5.65
CA GLY D 159 15.53 -26.80 5.01
C GLY D 159 15.81 -27.78 3.89
N GLU D 160 15.57 -29.06 4.17
CA GLU D 160 15.73 -30.13 3.19
C GLU D 160 15.15 -29.78 1.81
N ARG D 161 14.05 -29.05 1.77
CA ARG D 161 13.36 -28.74 0.52
C ARG D 161 13.66 -27.36 -0.09
N LEU D 162 14.66 -26.65 0.45
CA LEU D 162 15.03 -25.31 -0.04
C LEU D 162 16.46 -25.17 -0.59
N MET D 163 16.63 -24.27 -1.54
CA MET D 163 17.94 -23.98 -2.11
C MET D 163 18.05 -22.51 -2.39
N PHE D 164 19.26 -22.00 -2.26
CA PHE D 164 19.49 -20.63 -2.65
C PHE D 164 20.56 -20.59 -3.71
N LEU D 165 20.31 -19.76 -4.72
CA LEU D 165 21.20 -19.64 -5.85
C LEU D 165 21.65 -18.19 -5.94
N ALA D 166 22.96 -17.99 -5.90
CA ALA D 166 23.56 -16.66 -6.05
C ALA D 166 24.74 -16.67 -7.03
N LEU D 167 25.15 -15.50 -7.49
CA LEU D 167 26.37 -15.39 -8.32
C LEU D 167 27.60 -15.27 -7.46
N VAL D 168 27.55 -14.33 -6.52
CA VAL D 168 28.71 -13.95 -5.74
C VAL D 168 28.33 -13.84 -4.25
N ALA D 169 29.24 -14.31 -3.39
CA ALA D 169 29.02 -14.20 -1.95
C ALA D 169 30.25 -13.74 -1.18
N ALA D 170 30.02 -13.01 -0.09
CA ALA D 170 31.06 -12.67 0.84
C ALA D 170 31.02 -13.70 1.97
N PRO D 171 32.18 -14.11 2.50
CA PRO D 171 32.15 -15.09 3.58
C PRO D 171 31.34 -14.60 4.81
N GLU D 172 31.36 -13.30 5.09
CA GLU D 172 30.55 -12.80 6.21
C GLU D 172 29.05 -13.02 5.94
N GLY D 173 28.63 -12.90 4.68
CA GLY D 173 27.27 -13.25 4.27
C GLY D 173 26.95 -14.72 4.41
N VAL D 174 27.83 -15.59 3.91
CA VAL D 174 27.62 -17.03 4.08
C VAL D 174 27.51 -17.42 5.57
N GLN D 175 28.34 -16.81 6.41
CA GLN D 175 28.30 -17.03 7.85
C GLN D 175 26.90 -16.71 8.41
N VAL D 176 26.44 -15.49 8.16
CA VAL D 176 25.09 -15.07 8.57
C VAL D 176 24.04 -16.06 8.09
N PHE D 177 24.10 -16.38 6.81
CA PHE D 177 23.15 -17.27 6.17
C PHE D 177 23.11 -18.64 6.85
N GLN D 178 24.29 -19.24 6.95
CA GLN D 178 24.46 -20.57 7.51
C GLN D 178 24.23 -20.63 9.03
N ASP D 179 24.39 -19.50 9.70
CA ASP D 179 23.99 -19.39 11.10
C ASP D 179 22.47 -19.57 11.25
N ALA D 180 21.70 -18.80 10.50
CA ALA D 180 20.24 -18.95 10.44
C ALA D 180 19.80 -20.32 9.93
N HIS D 181 20.37 -20.78 8.80
CA HIS D 181 19.93 -22.05 8.21
C HIS D 181 21.07 -23.01 7.90
N PRO D 182 21.52 -23.77 8.90
CA PRO D 182 22.63 -24.70 8.66
C PRO D 182 22.30 -25.72 7.58
N ASP D 183 21.02 -25.97 7.31
CA ASP D 183 20.62 -27.08 6.44
C ASP D 183 20.23 -26.72 5.00
N VAL D 184 20.12 -25.42 4.72
CA VAL D 184 19.81 -24.98 3.37
C VAL D 184 21.08 -24.84 2.49
N LYS D 185 21.11 -25.56 1.38
CA LYS D 185 22.20 -25.48 0.40
C LYS D 185 22.25 -24.13 -0.30
N LEU D 186 23.46 -23.59 -0.40
CA LEU D 186 23.70 -22.31 -1.08
C LEU D 186 24.69 -22.47 -2.25
N TYR D 187 24.23 -22.13 -3.45
CA TYR D 187 25.00 -22.29 -4.69
C TYR D 187 25.48 -20.96 -5.21
N VAL D 188 26.72 -20.95 -5.65
CA VAL D 188 27.42 -19.72 -5.87
C VAL D 188 28.38 -19.93 -7.03
N ALA D 189 28.56 -18.90 -7.86
CA ALA D 189 29.58 -18.94 -8.91
C ALA D 189 30.96 -18.61 -8.32
N SER D 190 31.02 -17.72 -7.33
CA SER D 190 32.27 -17.39 -6.68
C SER D 190 32.10 -17.02 -5.23
N LEU D 191 32.99 -17.50 -4.39
CA LEU D 191 33.11 -16.96 -3.06
C LEU D 191 34.18 -15.88 -3.13
N ASP D 192 33.74 -14.63 -3.12
CA ASP D 192 34.65 -13.49 -3.16
C ASP D 192 35.33 -13.21 -1.80
N SER D 193 35.99 -12.07 -1.69
CA SER D 193 36.91 -11.85 -0.57
C SER D 193 36.28 -11.36 0.78
N HIS D 194 35.57 -10.23 0.72
CA HIS D 194 35.12 -9.52 1.92
C HIS D 194 34.12 -8.41 1.53
N LEU D 195 33.61 -7.67 2.53
CA LEU D 195 32.73 -6.53 2.27
C LEU D 195 33.48 -5.24 2.49
N ASP D 196 33.04 -4.15 1.85
CA ASP D 196 33.70 -2.88 2.07
C ASP D 196 32.94 -2.05 3.09
N ASP D 197 33.34 -0.79 3.26
CA ASP D 197 32.72 0.12 4.22
C ASP D 197 31.26 0.35 3.90
N HIS D 198 30.87 0.07 2.66
CA HIS D 198 29.50 0.28 2.22
C HIS D 198 28.73 -1.03 2.02
N ALA D 199 29.27 -2.14 2.52
CA ALA D 199 28.68 -3.49 2.38
C ALA D 199 28.56 -4.02 0.92
N TYR D 200 29.43 -3.56 0.03
CA TYR D 200 29.58 -4.14 -1.31
C TYR D 200 30.58 -5.30 -1.32
N ILE D 201 30.29 -6.32 -2.13
CA ILE D 201 31.19 -7.47 -2.25
C ILE D 201 32.46 -7.09 -3.04
N VAL D 202 33.63 -7.49 -2.52
CA VAL D 202 34.94 -7.26 -3.16
C VAL D 202 35.61 -8.59 -3.51
N PRO D 203 36.03 -8.76 -4.78
CA PRO D 203 35.93 -7.80 -5.89
C PRO D 203 34.49 -7.58 -6.41
N GLY D 204 33.64 -8.59 -6.24
CA GLY D 204 32.24 -8.54 -6.62
C GLY D 204 32.01 -8.05 -8.03
N LEU D 205 30.99 -7.20 -8.17
CA LEU D 205 30.65 -6.66 -9.46
C LEU D 205 29.87 -5.36 -9.39
N GLY D 206 29.88 -4.72 -8.21
CA GLY D 206 29.24 -3.43 -8.01
C GLY D 206 27.83 -3.51 -7.42
N ASP D 207 27.03 -2.47 -7.66
CA ASP D 207 25.64 -2.48 -7.26
C ASP D 207 24.85 -3.18 -8.34
N ALA D 208 24.25 -4.32 -8.00
CA ALA D 208 23.45 -5.13 -8.92
C ALA D 208 22.40 -4.28 -9.64
N GLY D 209 21.58 -3.61 -8.84
CA GLY D 209 20.51 -2.76 -9.35
C GLY D 209 20.99 -1.72 -10.32
N ASP D 210 22.12 -1.09 -10.02
CA ASP D 210 22.72 -0.11 -10.92
C ASP D 210 23.08 -0.71 -12.27
N ARG D 211 23.64 -1.90 -12.22
CA ARG D 211 24.20 -2.51 -13.42
C ARG D 211 23.12 -3.15 -14.28
N LEU D 212 22.07 -3.66 -13.64
CA LEU D 212 20.92 -4.22 -14.35
C LEU D 212 19.99 -3.14 -14.88
N PHE D 213 19.87 -2.04 -14.15
CA PHE D 213 18.82 -1.07 -14.43
C PHE D 213 19.34 0.34 -14.77
N GLY D 214 20.61 0.62 -14.45
CA GLY D 214 21.17 1.98 -14.59
C GLY D 214 21.04 2.78 -13.31
#